data_6YB9
#
_entry.id   6YB9
#
_cell.length_a   61.263
_cell.length_b   154.019
_cell.length_c   223.624
_cell.angle_alpha   90.000
_cell.angle_beta   90.000
_cell.angle_gamma   90.000
#
_symmetry.space_group_name_H-M   'I 2 2 2'
#
loop_
_entity.id
_entity.type
_entity.pdbx_description
1 polymer 'Multifunctional protein ADE2'
2 non-polymer 'PHOSPHOAMINOPHOSPHONIC ACID-ADENYLATE ESTER'
3 non-polymer '(2~{S})-2-[[5-azanyl-1-[(2~{R},3~{R},4~{S},5~{R})-3,4-bis(oxidanyl)-5-(phosphonooxymethyl)oxolan-2-yl]imidazol-4-yl]car bonylamino]butanedioic acid'
4 non-polymer 1,2-ETHANEDIOL
5 non-polymer 'MAGNESIUM ION'
6 water water
#
_entity_poly.entity_id   1
_entity_poly.type   'polypeptide(L)'
_entity_poly.pdbx_seq_one_letter_code
;MATAEVLNIGKKLYEGKTKEVYELLDSPGKVLLQSKDQITAGNAARKNHLEGKAAISNKITSCIFQLLQEAGIKTAFTRK
CGETAFIAPQCEMIPIEWVCRRIATGSFLKRNPGVKEGYKFYPPKVELFFKDDANNDPQWSEEQLIAAKFCFAGLLIGQT
EVDIMSHATQAIFEILEKSWLPQNCTLVDMKIEFGVDVTTKEIVLADVIDNDSWRLWPSGDRSQQKDKQSYRDLKEVTPE
GLQMVKKNFEWVAERVELLLKSESQCRVVVLMGSTSDLGHCEKIKKACGNFGIPCELRVTSAHKGPDETLRIKAEYEGDG
IPTVFVAVAGRSNGLGPVMSGNTAYPVISCPPLTPDWGVQDVWSSLRLPSGLGCSTVLSPEGSAQFAAQIFGLSNHLVWS
KLRASILNTWISLKQADKKIRECNL
;
_entity_poly.pdbx_strand_id   A,B
#
loop_
_chem_comp.id
_chem_comp.type
_chem_comp.name
_chem_comp.formula
ANP non-polymer 'PHOSPHOAMINOPHOSPHONIC ACID-ADENYLATE ESTER' 'C10 H17 N6 O12 P3'
EDO non-polymer 1,2-ETHANEDIOL 'C2 H6 O2'
MG non-polymer 'MAGNESIUM ION' 'Mg 2'
OK8 non-polymer '(2~{S})-2-[[5-azanyl-1-[(2~{R},3~{R},4~{S},5~{R})-3,4-bis(oxidanyl)-5-(phosphonooxymethyl)oxolan-2-yl]imidazol-4-yl]car bonylamino]butanedioic acid' 'C13 H19 N4 O12 P'
#
# COMPACT_ATOMS: atom_id res chain seq x y z
N LEU A 7 23.32 20.06 33.43
CA LEU A 7 21.83 20.04 33.63
C LEU A 7 21.49 20.56 35.04
N ASN A 8 20.85 21.72 35.13
CA ASN A 8 20.70 22.48 36.41
C ASN A 8 19.34 22.15 37.04
N ILE A 9 19.31 21.15 37.93
CA ILE A 9 18.07 20.62 38.56
C ILE A 9 17.75 21.51 39.73
N GLY A 10 16.48 21.93 39.88
CA GLY A 10 15.99 22.78 40.98
C GLY A 10 15.25 21.95 42.02
N LYS A 11 14.22 22.51 42.63
CA LYS A 11 13.41 21.82 43.68
C LYS A 11 12.55 20.69 43.09
N LYS A 12 12.30 19.66 43.88
CA LYS A 12 11.29 18.63 43.62
C LYS A 12 9.92 19.31 43.77
N LEU A 13 9.14 19.41 42.68
CA LEU A 13 7.82 20.09 42.68
C LEU A 13 6.76 19.18 43.31
N TYR A 14 6.66 17.94 42.84
CA TYR A 14 5.78 16.88 43.40
C TYR A 14 6.42 15.52 43.11
N GLU A 15 5.90 14.51 43.79
CA GLU A 15 6.29 13.10 43.62
C GLU A 15 5.02 12.24 43.76
N GLY A 16 4.87 11.21 42.94
CA GLY A 16 3.71 10.30 43.06
C GLY A 16 4.19 8.88 43.12
N LYS A 17 3.35 7.95 42.67
CA LYS A 17 3.62 6.50 42.79
C LYS A 17 4.76 6.11 41.86
N THR A 18 4.93 6.77 40.71
CA THR A 18 5.90 6.30 39.67
C THR A 18 6.84 7.38 39.14
N LYS A 19 6.68 8.66 39.52
CA LYS A 19 7.46 9.76 38.91
C LYS A 19 7.68 10.89 39.89
N GLU A 20 8.90 11.46 39.84
CA GLU A 20 9.30 12.71 40.53
C GLU A 20 9.41 13.79 39.48
N VAL A 21 8.80 14.95 39.70
CA VAL A 21 8.83 16.11 38.77
C VAL A 21 9.69 17.21 39.38
N TYR A 22 10.71 17.67 38.64
CA TYR A 22 11.72 18.66 39.11
C TYR A 22 11.62 19.91 38.24
N GLU A 23 11.80 21.09 38.84
CA GLU A 23 11.99 22.36 38.10
C GLU A 23 13.40 22.32 37.47
N LEU A 24 13.57 23.01 36.34
CA LEU A 24 14.84 23.18 35.60
C LEU A 24 15.17 24.67 35.59
N LEU A 25 16.23 25.06 36.29
CA LEU A 25 16.57 26.49 36.57
C LEU A 25 17.02 27.18 35.27
N ASP A 26 17.62 26.45 34.32
CA ASP A 26 18.09 27.06 33.03
C ASP A 26 17.01 27.01 31.93
N SER A 27 15.83 26.47 32.23
CA SER A 27 14.74 26.26 31.24
C SER A 27 13.43 26.81 31.77
N PRO A 28 13.04 28.06 31.44
CA PRO A 28 11.76 28.58 31.91
C PRO A 28 10.59 27.76 31.31
N GLY A 29 9.63 27.41 32.16
CA GLY A 29 8.41 26.71 31.73
C GLY A 29 8.64 25.25 31.37
N LYS A 30 9.77 24.65 31.76
CA LYS A 30 10.08 23.22 31.49
C LYS A 30 10.35 22.47 32.79
N VAL A 31 10.11 21.17 32.80
CA VAL A 31 10.31 20.31 34.00
C VAL A 31 10.92 18.98 33.55
N LEU A 32 11.52 18.29 34.49
CA LEU A 32 12.15 16.96 34.31
C LEU A 32 11.30 15.92 35.04
N LEU A 33 10.83 14.92 34.30
CA LEU A 33 10.00 13.83 34.84
C LEU A 33 10.87 12.58 34.94
N GLN A 34 11.27 12.27 36.18
CA GLN A 34 12.15 11.15 36.56
C GLN A 34 11.25 9.99 36.95
N SER A 35 11.40 8.86 36.27
CA SER A 35 10.61 7.63 36.49
C SER A 35 11.26 6.89 37.67
N LYS A 36 10.45 6.13 38.42
CA LYS A 36 10.88 5.27 39.54
C LYS A 36 10.66 3.79 39.18
N ASP A 37 11.44 2.89 39.80
CA ASP A 37 11.34 1.42 39.59
C ASP A 37 10.19 0.88 40.45
N GLN A 38 9.00 1.44 40.31
CA GLN A 38 7.79 1.05 41.07
C GLN A 38 6.68 0.66 40.09
N ILE A 39 6.00 -0.45 40.34
CA ILE A 39 4.72 -0.79 39.64
C ILE A 39 3.61 -0.81 40.70
N THR A 40 2.39 -0.42 40.34
CA THR A 40 1.26 -0.28 41.29
C THR A 40 0.00 -0.73 40.57
N ALA A 41 -1.09 -1.03 41.30
CA ALA A 41 -2.44 -1.22 40.72
C ALA A 41 -3.49 -1.11 41.83
N GLY A 42 -4.67 -0.56 41.49
CA GLY A 42 -5.78 -0.33 42.44
C GLY A 42 -5.40 0.69 43.52
N ASN A 43 -6.26 0.81 44.52
CA ASN A 43 -6.15 1.81 45.62
C ASN A 43 -5.94 1.08 46.94
N ALA A 44 -5.44 -0.16 46.88
CA ALA A 44 -5.10 -1.01 48.05
C ALA A 44 -3.57 -1.22 48.06
N ALA A 45 -3.10 -2.36 48.59
CA ALA A 45 -1.66 -2.63 48.85
C ALA A 45 -0.92 -3.17 47.62
N ARG A 46 -1.49 -3.14 46.41
CA ARG A 46 -0.79 -3.76 45.25
C ARG A 46 0.30 -2.79 44.76
N LYS A 47 1.51 -2.98 45.26
CA LYS A 47 2.70 -2.15 44.98
C LYS A 47 3.93 -3.04 45.03
N ASN A 48 4.92 -2.78 44.20
CA ASN A 48 6.14 -3.61 44.11
C ASN A 48 7.28 -2.79 43.54
N HIS A 49 8.47 -3.07 44.02
CA HIS A 49 9.73 -2.73 43.35
C HIS A 49 9.80 -3.61 42.11
N LEU A 50 10.24 -3.05 40.98
CA LEU A 50 10.54 -3.82 39.77
C LEU A 50 11.72 -3.16 39.09
N GLU A 51 12.86 -3.85 39.06
CA GLU A 51 14.13 -3.28 38.55
C GLU A 51 14.05 -3.14 37.02
N GLY A 52 14.36 -1.95 36.49
CA GLY A 52 14.40 -1.66 35.04
C GLY A 52 13.08 -1.13 34.51
N LYS A 53 12.05 -1.09 35.35
CA LYS A 53 10.71 -0.55 34.99
C LYS A 53 10.86 0.92 34.61
N ALA A 54 11.62 1.70 35.38
CA ALA A 54 11.80 3.16 35.15
C ALA A 54 12.32 3.40 33.73
N ALA A 55 13.25 2.57 33.25
CA ALA A 55 13.93 2.67 31.94
C ALA A 55 12.96 2.28 30.82
N ILE A 56 12.14 1.28 31.10
CA ILE A 56 11.12 0.75 30.17
C ILE A 56 10.01 1.78 30.01
N SER A 57 9.47 2.35 31.08
CA SER A 57 8.42 3.40 31.04
C SER A 57 8.93 4.61 30.26
N ASN A 58 10.14 5.04 30.59
CA ASN A 58 10.75 6.23 29.98
C ASN A 58 10.93 6.01 28.48
N LYS A 59 11.39 4.83 28.09
CA LYS A 59 11.69 4.49 26.69
C LYS A 59 10.36 4.47 25.88
N ILE A 60 9.34 3.81 26.40
CA ILE A 60 8.02 3.73 25.73
C ILE A 60 7.42 5.13 25.57
N THR A 61 7.27 5.90 26.64
CA THR A 61 6.66 7.27 26.57
C THR A 61 7.44 8.16 25.62
N SER A 62 8.76 8.02 25.60
CA SER A 62 9.64 8.89 24.81
C SER A 62 9.43 8.57 23.33
N CYS A 63 9.41 7.30 22.95
CA CYS A 63 9.06 6.82 21.58
C CYS A 63 7.62 7.22 21.24
N ILE A 64 6.65 6.96 22.11
CA ILE A 64 5.23 7.22 21.75
C ILE A 64 5.05 8.73 21.60
N PHE A 65 5.61 9.55 22.46
CA PHE A 65 5.44 11.02 22.38
C PHE A 65 6.11 11.56 21.11
N GLN A 66 7.27 11.01 20.74
CA GLN A 66 7.98 11.46 19.52
C GLN A 66 7.13 11.10 18.29
N LEU A 67 6.53 9.92 18.29
CA LEU A 67 5.64 9.43 17.21
C LEU A 67 4.44 10.38 17.07
N LEU A 68 3.76 10.65 18.17
CA LEU A 68 2.54 11.51 18.16
C LEU A 68 2.96 12.93 17.77
N GLN A 69 4.12 13.39 18.21
CA GLN A 69 4.57 14.78 17.94
C GLN A 69 4.93 14.93 16.46
N GLU A 70 5.56 13.92 15.85
CA GLU A 70 5.99 13.91 14.43
C GLU A 70 4.79 13.81 13.50
N ALA A 71 3.71 13.20 13.94
CA ALA A 71 2.38 13.20 13.29
C ALA A 71 1.74 14.60 13.33
N GLY A 72 1.96 15.38 14.38
CA GLY A 72 1.39 16.75 14.52
C GLY A 72 0.44 16.89 15.71
N ILE A 73 0.37 15.88 16.59
CA ILE A 73 -0.41 15.95 17.85
C ILE A 73 0.35 16.87 18.80
N LYS A 74 -0.32 17.88 19.38
CA LYS A 74 0.32 18.81 20.33
C LYS A 74 0.61 18.06 21.62
N THR A 75 1.88 17.98 22.03
CA THR A 75 2.25 17.05 23.11
C THR A 75 3.26 17.67 24.06
N ALA A 76 3.11 17.49 25.37
CA ALA A 76 4.08 17.98 26.38
C ALA A 76 5.29 17.02 26.41
N PHE A 77 6.20 17.17 25.45
CA PHE A 77 7.45 16.42 25.35
C PHE A 77 8.49 17.28 24.63
N THR A 78 9.68 17.42 25.23
CA THR A 78 10.82 18.17 24.66
C THR A 78 11.81 17.16 24.15
N ARG A 79 12.41 16.37 25.02
CA ARG A 79 13.37 15.30 24.61
C ARG A 79 13.61 14.29 25.75
N LYS A 80 14.10 13.13 25.38
CA LYS A 80 14.61 12.10 26.32
C LYS A 80 15.85 12.66 27.02
N CYS A 81 16.03 12.30 28.28
CA CYS A 81 17.13 12.81 29.13
C CYS A 81 17.73 11.65 29.92
N GLY A 82 18.45 10.79 29.21
CA GLY A 82 19.06 9.57 29.75
C GLY A 82 18.06 8.43 29.82
N GLU A 83 18.45 7.35 30.47
CA GLU A 83 17.70 6.08 30.53
C GLU A 83 16.32 6.27 31.17
N THR A 84 16.16 7.14 32.18
CA THR A 84 15.01 7.07 33.12
C THR A 84 14.29 8.41 33.28
N ALA A 85 14.61 9.42 32.49
CA ALA A 85 13.86 10.70 32.56
C ALA A 85 13.61 11.26 31.15
N PHE A 86 12.84 12.34 31.13
CA PHE A 86 12.52 13.13 29.94
C PHE A 86 12.17 14.55 30.40
N ILE A 87 12.44 15.51 29.54
CA ILE A 87 12.13 16.95 29.72
C ILE A 87 10.77 17.18 29.05
N ALA A 88 9.92 17.95 29.69
CA ALA A 88 8.62 18.32 29.13
C ALA A 88 8.32 19.77 29.45
N PRO A 89 7.49 20.42 28.63
CA PRO A 89 6.82 21.63 29.05
C PRO A 89 5.99 21.34 30.31
N GLN A 90 6.08 22.24 31.28
CA GLN A 90 5.29 22.19 32.52
C GLN A 90 3.82 22.43 32.16
N CYS A 91 2.94 21.59 32.70
CA CYS A 91 1.49 21.74 32.51
C CYS A 91 0.79 21.80 33.87
N GLU A 92 -0.30 22.54 33.96
CA GLU A 92 -1.35 22.38 34.99
C GLU A 92 -2.27 21.26 34.50
N MET A 93 -2.18 20.11 35.16
CA MET A 93 -2.83 18.87 34.67
C MET A 93 -4.34 18.95 34.96
N ILE A 94 -5.17 18.59 33.98
CA ILE A 94 -6.64 18.48 34.12
C ILE A 94 -6.92 17.12 34.74
N PRO A 95 -7.64 17.07 35.88
CA PRO A 95 -7.70 15.84 36.68
C PRO A 95 -8.84 14.94 36.15
N ILE A 96 -8.70 14.54 34.90
CA ILE A 96 -9.61 13.63 34.17
C ILE A 96 -8.76 12.56 33.51
N GLU A 97 -9.19 11.31 33.61
CA GLU A 97 -8.67 10.20 32.77
C GLU A 97 -9.60 10.07 31.56
N TRP A 98 -9.04 10.26 30.38
CA TRP A 98 -9.68 10.12 29.05
C TRP A 98 -9.39 8.72 28.55
N VAL A 99 -10.43 7.89 28.42
CA VAL A 99 -10.29 6.50 27.91
C VAL A 99 -10.89 6.43 26.50
N CYS A 100 -10.25 5.66 25.65
CA CYS A 100 -10.76 5.33 24.31
C CYS A 100 -10.76 3.81 24.14
N ARG A 101 -11.85 3.25 23.59
CA ARG A 101 -12.03 1.79 23.43
C ARG A 101 -12.29 1.46 21.96
N ARG A 102 -11.55 0.51 21.41
CA ARG A 102 -11.94 -0.22 20.20
C ARG A 102 -12.73 -1.47 20.58
N ILE A 103 -12.37 -2.17 21.66
CA ILE A 103 -12.98 -3.48 22.04
C ILE A 103 -13.49 -3.39 23.47
N ALA A 104 -14.72 -3.83 23.71
CA ALA A 104 -15.33 -3.83 25.06
C ALA A 104 -14.62 -4.88 25.92
N THR A 105 -14.00 -4.43 27.02
CA THR A 105 -13.40 -5.29 28.06
C THR A 105 -13.34 -4.50 29.37
N GLY A 106 -12.82 -5.09 30.42
CA GLY A 106 -12.51 -4.36 31.67
C GLY A 106 -13.74 -3.68 32.26
N SER A 107 -13.64 -2.39 32.57
CA SER A 107 -14.70 -1.66 33.32
C SER A 107 -15.92 -1.46 32.42
N PHE A 108 -15.75 -1.49 31.10
CA PHE A 108 -16.92 -1.29 30.23
C PHE A 108 -17.95 -2.40 30.48
N LEU A 109 -17.50 -3.64 30.61
CA LEU A 109 -18.37 -4.83 30.87
C LEU A 109 -19.02 -4.68 32.25
N LYS A 110 -18.29 -4.24 33.27
CA LYS A 110 -18.86 -4.11 34.65
C LYS A 110 -19.98 -3.06 34.65
N ARG A 111 -19.80 -1.94 33.96
CA ARG A 111 -20.79 -0.82 33.95
C ARG A 111 -21.92 -1.09 32.94
N ASN A 112 -21.75 -2.06 32.04
CA ASN A 112 -22.76 -2.43 30.99
C ASN A 112 -22.97 -3.94 30.98
N PRO A 113 -23.52 -4.54 32.08
CA PRO A 113 -23.82 -5.97 32.11
C PRO A 113 -24.72 -6.35 30.92
N GLY A 114 -24.35 -7.45 30.25
CA GLY A 114 -25.01 -7.95 29.04
C GLY A 114 -24.13 -7.80 27.81
N VAL A 115 -23.26 -6.81 27.80
CA VAL A 115 -22.29 -6.65 26.69
C VAL A 115 -21.25 -7.73 26.90
N LYS A 116 -20.87 -8.42 25.82
CA LYS A 116 -19.90 -9.53 25.83
C LYS A 116 -18.51 -8.95 25.53
N GLU A 117 -17.47 -9.56 26.09
CA GLU A 117 -16.08 -9.23 25.72
C GLU A 117 -15.94 -9.38 24.20
N GLY A 118 -15.38 -8.38 23.53
CA GLY A 118 -15.13 -8.42 22.07
C GLY A 118 -16.06 -7.51 21.27
N TYR A 119 -17.07 -6.93 21.90
CA TYR A 119 -17.94 -5.93 21.24
C TYR A 119 -17.08 -4.80 20.67
N LYS A 120 -17.24 -4.50 19.39
CA LYS A 120 -16.38 -3.49 18.71
C LYS A 120 -17.09 -2.14 18.64
N PHE A 121 -16.35 -1.10 18.94
CA PHE A 121 -16.85 0.31 18.87
C PHE A 121 -16.42 0.94 17.54
N TYR A 122 -17.42 1.28 16.70
CA TYR A 122 -17.27 2.06 15.46
C TYR A 122 -18.15 3.30 15.58
N PRO A 123 -17.63 4.53 15.82
CA PRO A 123 -16.19 4.79 16.03
C PRO A 123 -15.75 4.45 17.46
N PRO A 124 -14.44 4.49 17.76
CA PRO A 124 -13.95 4.20 19.11
C PRO A 124 -14.70 5.06 20.15
N LYS A 125 -15.09 4.43 21.26
CA LYS A 125 -15.82 5.02 22.39
C LYS A 125 -14.83 5.81 23.25
N VAL A 126 -15.17 7.06 23.54
CA VAL A 126 -14.43 7.93 24.51
C VAL A 126 -15.25 8.01 25.81
N GLU A 127 -14.60 7.82 26.96
CA GLU A 127 -15.18 8.04 28.31
C GLU A 127 -14.25 8.89 29.17
N LEU A 128 -14.86 9.57 30.15
CA LEU A 128 -14.18 10.43 31.16
C LEU A 128 -14.30 9.79 32.53
N PHE A 129 -13.22 9.84 33.28
CA PHE A 129 -13.17 9.48 34.71
C PHE A 129 -12.49 10.61 35.48
N PHE A 130 -13.17 11.12 36.50
CA PHE A 130 -12.62 12.12 37.45
C PHE A 130 -11.59 11.46 38.36
N LYS A 131 -10.40 12.07 38.51
CA LYS A 131 -9.27 11.54 39.32
C LYS A 131 -9.53 11.83 40.82
N ASP A 132 -9.71 10.75 41.58
CA ASP A 132 -10.05 10.73 43.03
C ASP A 132 -9.95 9.27 43.47
N ASP A 133 -8.86 8.92 44.17
CA ASP A 133 -8.56 7.54 44.67
C ASP A 133 -9.59 7.11 45.73
N ALA A 134 -10.02 8.07 46.58
CA ALA A 134 -11.07 7.89 47.62
C ALA A 134 -12.30 7.16 47.05
N ASN A 135 -12.75 7.51 45.83
CA ASN A 135 -13.99 6.96 45.19
C ASN A 135 -13.68 6.08 43.96
N ASN A 136 -12.44 5.59 43.82
CA ASN A 136 -12.01 4.62 42.77
C ASN A 136 -12.17 5.20 41.34
N ASP A 137 -12.11 6.54 41.16
CA ASP A 137 -12.10 7.26 39.86
C ASP A 137 -13.45 7.10 39.18
N PRO A 138 -14.50 7.80 39.65
CA PRO A 138 -15.85 7.64 39.09
C PRO A 138 -15.99 8.21 37.66
N GLN A 139 -16.78 7.53 36.83
CA GLN A 139 -17.12 8.01 35.48
C GLN A 139 -17.83 9.37 35.63
N TRP A 140 -17.44 10.32 34.79
CA TRP A 140 -18.08 11.65 34.67
C TRP A 140 -18.71 11.72 33.28
N SER A 141 -19.81 12.46 33.18
CA SER A 141 -20.39 12.91 31.89
C SER A 141 -19.66 14.20 31.46
N GLU A 142 -19.69 14.55 30.20
CA GLU A 142 -19.23 15.86 29.68
C GLU A 142 -19.96 16.97 30.46
N GLU A 143 -21.25 16.79 30.81
CA GLU A 143 -22.05 17.82 31.51
C GLU A 143 -21.42 18.07 32.90
N GLN A 144 -20.95 17.04 33.58
CA GLN A 144 -20.32 17.17 34.92
C GLN A 144 -19.01 17.95 34.79
N LEU A 145 -18.20 17.67 33.75
CA LEU A 145 -16.89 18.34 33.57
C LEU A 145 -17.14 19.82 33.26
N ILE A 146 -18.11 20.13 32.41
CA ILE A 146 -18.45 21.55 32.12
C ILE A 146 -18.89 22.25 33.42
N ALA A 147 -19.76 21.62 34.21
CA ALA A 147 -20.34 22.22 35.43
C ALA A 147 -19.28 22.40 36.52
N ALA A 148 -18.16 21.70 36.45
CA ALA A 148 -17.06 21.85 37.44
C ALA A 148 -16.37 23.22 37.30
N LYS A 149 -16.46 23.86 36.14
CA LYS A 149 -15.92 25.23 35.89
C LYS A 149 -14.44 25.28 36.33
N PHE A 150 -13.72 24.22 36.00
CA PHE A 150 -12.27 24.10 36.26
C PHE A 150 -11.56 25.21 35.48
N CYS A 151 -10.52 25.73 36.12
CA CYS A 151 -9.61 26.76 35.56
C CYS A 151 -8.18 26.29 35.85
N PHE A 152 -7.36 26.23 34.82
CA PHE A 152 -5.96 25.75 34.91
C PHE A 152 -5.07 26.68 34.07
N ALA A 153 -4.07 27.32 34.69
CA ALA A 153 -3.17 28.30 34.04
C ALA A 153 -4.00 29.33 33.30
N GLY A 154 -5.17 29.68 33.87
CA GLY A 154 -6.05 30.78 33.41
C GLY A 154 -7.06 30.37 32.35
N LEU A 155 -6.97 29.15 31.79
CA LEU A 155 -7.94 28.61 30.81
C LEU A 155 -9.12 27.95 31.54
N LEU A 156 -10.32 28.55 31.43
CA LEU A 156 -11.61 27.97 31.88
C LEU A 156 -11.89 26.74 31.02
N ILE A 157 -12.14 25.55 31.60
CA ILE A 157 -12.47 24.33 30.82
C ILE A 157 -13.97 24.29 30.57
N GLY A 158 -14.40 24.78 29.39
CA GLY A 158 -15.80 24.89 28.94
C GLY A 158 -16.12 23.88 27.83
N GLN A 159 -17.27 24.05 27.20
CA GLN A 159 -17.81 23.12 26.18
C GLN A 159 -16.71 22.96 25.12
N THR A 160 -16.17 24.05 24.61
CA THR A 160 -15.11 24.04 23.56
C THR A 160 -13.92 23.16 23.97
N GLU A 161 -13.46 23.31 25.21
CA GLU A 161 -12.22 22.67 25.67
C GLU A 161 -12.46 21.16 25.86
N VAL A 162 -13.65 20.82 26.35
CA VAL A 162 -14.08 19.41 26.59
C VAL A 162 -14.25 18.71 25.23
N ASP A 163 -14.88 19.39 24.27
CA ASP A 163 -15.09 18.88 22.91
C ASP A 163 -13.71 18.64 22.28
N ILE A 164 -12.74 19.51 22.55
CA ILE A 164 -11.37 19.35 21.97
C ILE A 164 -10.66 18.13 22.58
N MET A 165 -10.73 17.95 23.88
CA MET A 165 -10.05 16.81 24.54
C MET A 165 -10.66 15.48 24.11
N SER A 166 -11.97 15.49 23.88
CA SER A 166 -12.75 14.32 23.46
C SER A 166 -12.35 13.87 22.05
N HIS A 167 -12.32 14.80 21.12
CA HIS A 167 -11.90 14.55 19.72
C HIS A 167 -10.43 14.17 19.69
N ALA A 168 -9.60 14.83 20.46
CA ALA A 168 -8.15 14.53 20.49
C ALA A 168 -7.93 13.12 21.00
N THR A 169 -8.71 12.68 22.00
CA THR A 169 -8.54 11.32 22.59
C THR A 169 -8.78 10.22 21.54
N GLN A 170 -9.84 10.36 20.77
CA GLN A 170 -10.16 9.44 19.65
C GLN A 170 -8.99 9.43 18.63
N ALA A 171 -8.50 10.59 18.20
CA ALA A 171 -7.44 10.73 17.17
C ALA A 171 -6.13 10.09 17.66
N ILE A 172 -5.78 10.35 18.91
CA ILE A 172 -4.53 9.79 19.52
C ILE A 172 -4.65 8.26 19.55
N PHE A 173 -5.81 7.74 19.91
CA PHE A 173 -6.05 6.29 19.98
C PHE A 173 -5.88 5.68 18.58
N GLU A 174 -6.55 6.27 17.59
CA GLU A 174 -6.53 5.76 16.18
C GLU A 174 -5.09 5.75 15.65
N ILE A 175 -4.29 6.77 15.96
CA ILE A 175 -2.87 6.85 15.50
C ILE A 175 -2.09 5.71 16.15
N LEU A 176 -2.22 5.54 17.48
CA LEU A 176 -1.46 4.46 18.18
C LEU A 176 -1.94 3.09 17.70
N GLU A 177 -3.25 2.95 17.49
CA GLU A 177 -3.89 1.71 16.98
C GLU A 177 -3.27 1.35 15.63
N LYS A 178 -3.24 2.29 14.68
CA LYS A 178 -2.69 2.05 13.32
C LYS A 178 -1.18 1.75 13.42
N SER A 179 -0.49 2.36 14.36
CA SER A 179 1.00 2.23 14.49
C SER A 179 1.41 0.87 15.05
N TRP A 180 0.55 0.22 15.85
CA TRP A 180 0.82 -1.12 16.45
C TRP A 180 0.48 -2.26 15.45
N LEU A 181 -0.38 -1.99 14.47
CA LEU A 181 -0.91 -2.98 13.51
C LEU A 181 0.23 -3.71 12.79
N PRO A 182 1.25 -3.03 12.22
CA PRO A 182 2.33 -3.71 11.52
C PRO A 182 3.12 -4.70 12.39
N GLN A 183 3.03 -4.59 13.73
CA GLN A 183 3.68 -5.53 14.68
C GLN A 183 2.72 -6.69 15.03
N ASN A 184 1.56 -6.77 14.36
CA ASN A 184 0.47 -7.76 14.58
C ASN A 184 0.04 -7.68 16.04
N CYS A 185 -0.10 -6.47 16.59
CA CYS A 185 -0.66 -6.20 17.95
C CYS A 185 -1.95 -5.42 17.85
N THR A 186 -2.98 -5.87 18.56
CA THR A 186 -4.27 -5.15 18.67
C THR A 186 -4.23 -4.20 19.87
N LEU A 187 -4.30 -2.89 19.63
CA LEU A 187 -4.53 -1.90 20.70
C LEU A 187 -6.05 -1.91 20.99
N VAL A 188 -6.41 -2.42 22.16
CA VAL A 188 -7.80 -2.66 22.61
C VAL A 188 -8.40 -1.35 23.14
N ASP A 189 -7.67 -0.67 24.03
CA ASP A 189 -8.11 0.60 24.68
C ASP A 189 -6.89 1.31 25.27
N MET A 190 -7.08 2.52 25.79
CA MET A 190 -6.00 3.31 26.42
C MET A 190 -6.59 4.43 27.27
N LYS A 191 -5.77 4.95 28.15
CA LYS A 191 -6.04 6.12 28.99
C LYS A 191 -4.91 7.13 28.77
N ILE A 192 -5.26 8.39 28.67
CA ILE A 192 -4.31 9.54 28.53
C ILE A 192 -4.83 10.64 29.44
N GLU A 193 -3.97 11.61 29.72
CA GLU A 193 -4.39 12.83 30.48
C GLU A 193 -3.90 14.03 29.69
N PHE A 194 -4.63 15.13 29.78
CA PHE A 194 -4.24 16.43 29.18
C PHE A 194 -3.91 17.42 30.29
N GLY A 195 -3.08 18.41 29.94
CA GLY A 195 -2.84 19.59 30.78
C GLY A 195 -2.84 20.84 29.97
N VAL A 196 -2.81 21.98 30.66
CA VAL A 196 -2.60 23.31 30.04
C VAL A 196 -1.12 23.68 30.23
N ASP A 197 -0.43 23.86 29.10
CA ASP A 197 0.98 24.32 29.04
C ASP A 197 0.98 25.70 29.69
N VAL A 198 1.81 25.88 30.71
CA VAL A 198 1.80 27.13 31.52
C VAL A 198 2.32 28.30 30.66
N THR A 199 3.09 28.04 29.61
CA THR A 199 3.66 29.11 28.74
C THR A 199 2.70 29.43 27.60
N THR A 200 2.31 28.43 26.79
CA THR A 200 1.47 28.63 25.57
C THR A 200 -0.02 28.71 25.92
N LYS A 201 -0.48 28.10 27.03
CA LYS A 201 -1.91 28.09 27.44
C LYS A 201 -2.72 27.17 26.52
N GLU A 202 -2.03 26.33 25.75
CA GLU A 202 -2.68 25.32 24.87
C GLU A 202 -3.00 24.10 25.74
N ILE A 203 -4.15 23.47 25.50
CA ILE A 203 -4.39 22.10 25.99
C ILE A 203 -3.53 21.15 25.16
N VAL A 204 -2.75 20.30 25.83
CA VAL A 204 -1.82 19.32 25.19
C VAL A 204 -1.93 18.02 25.96
N LEU A 205 -1.74 16.91 25.24
CA LEU A 205 -1.44 15.57 25.78
C LEU A 205 -0.22 15.72 26.68
N ALA A 206 -0.25 15.13 27.86
CA ALA A 206 0.77 15.26 28.90
C ALA A 206 0.81 13.98 29.72
N ASP A 207 1.34 14.04 30.94
CA ASP A 207 1.69 12.83 31.72
C ASP A 207 2.58 11.97 30.84
N VAL A 208 2.28 10.66 30.81
CA VAL A 208 2.99 9.66 29.99
C VAL A 208 1.96 8.82 29.21
N ILE A 209 2.45 8.12 28.20
CA ILE A 209 1.76 6.93 27.62
C ILE A 209 2.76 5.78 27.74
N ASP A 210 2.50 4.82 28.62
CA ASP A 210 3.44 3.67 28.77
C ASP A 210 2.64 2.36 28.82
N ASN A 211 3.25 1.31 29.30
CA ASN A 211 2.68 -0.05 29.28
C ASN A 211 1.56 -0.16 30.33
N ASP A 212 1.32 0.89 31.10
CA ASP A 212 0.20 0.89 32.06
C ASP A 212 -0.98 1.64 31.46
N SER A 213 -0.74 2.36 30.37
CA SER A 213 -1.71 3.28 29.73
C SER A 213 -2.72 2.54 28.85
N TRP A 214 -2.41 1.36 28.34
CA TRP A 214 -3.17 0.70 27.27
C TRP A 214 -3.32 -0.81 27.55
N ARG A 215 -4.10 -1.48 26.70
CA ARG A 215 -4.18 -2.97 26.60
C ARG A 215 -3.75 -3.37 25.20
N LEU A 216 -2.70 -4.19 25.12
CA LEU A 216 -2.00 -4.63 23.88
C LEU A 216 -2.12 -6.15 23.80
N TRP A 217 -2.80 -6.66 22.77
CA TRP A 217 -2.99 -8.11 22.57
C TRP A 217 -2.29 -8.51 21.28
N PRO A 218 -1.14 -9.21 21.33
CA PRO A 218 -0.57 -9.82 20.12
C PRO A 218 -1.60 -10.72 19.44
N SER A 219 -1.74 -10.60 18.12
CA SER A 219 -2.68 -11.39 17.27
C SER A 219 -4.13 -11.28 17.75
N GLY A 220 -4.50 -10.22 18.47
CA GLY A 220 -5.84 -10.04 19.05
C GLY A 220 -6.16 -11.02 20.16
N ASP A 221 -5.15 -11.69 20.74
CA ASP A 221 -5.35 -12.80 21.74
C ASP A 221 -5.10 -12.31 23.18
N ARG A 222 -6.19 -12.09 23.92
CA ARG A 222 -6.20 -11.53 25.30
C ARG A 222 -5.26 -12.32 26.20
N SER A 223 -5.13 -13.62 25.99
CA SER A 223 -4.32 -14.53 26.85
C SER A 223 -2.83 -14.21 26.65
N GLN A 224 -2.45 -13.58 25.51
CA GLN A 224 -1.06 -13.10 25.22
C GLN A 224 -0.87 -11.61 25.63
N GLN A 225 -1.79 -11.02 26.39
CA GLN A 225 -1.72 -9.59 26.81
C GLN A 225 -0.33 -9.28 27.35
N LYS A 226 0.27 -8.17 26.86
CA LYS A 226 1.67 -7.77 27.15
C LYS A 226 1.68 -6.54 28.09
N ASP A 227 0.53 -5.94 28.34
CA ASP A 227 0.40 -4.66 29.10
C ASP A 227 0.34 -4.96 30.61
N LYS A 228 0.08 -3.93 31.44
CA LYS A 228 0.02 -4.03 32.92
C LYS A 228 -1.18 -4.85 33.40
N GLN A 229 -2.16 -5.13 32.56
CA GLN A 229 -3.32 -5.99 32.92
C GLN A 229 -2.79 -7.35 33.39
N SER A 230 -1.62 -7.79 32.90
CA SER A 230 -1.02 -9.10 33.28
C SER A 230 -0.69 -9.09 34.79
N TYR A 231 -0.36 -7.93 35.35
CA TYR A 231 -0.03 -7.70 36.78
C TYR A 231 -1.33 -7.50 37.57
N ARG A 232 -2.28 -6.72 37.05
CA ARG A 232 -3.61 -6.51 37.71
C ARG A 232 -4.31 -7.85 37.90
N ASP A 233 -4.14 -8.83 36.99
CA ASP A 233 -4.94 -10.10 36.89
C ASP A 233 -4.44 -11.15 37.89
N LEU A 234 -3.19 -11.07 38.34
CA LEU A 234 -2.58 -12.02 39.33
C LEU A 234 -3.47 -12.11 40.57
N LYS A 235 -3.89 -13.31 40.99
CA LYS A 235 -4.59 -13.51 42.28
C LYS A 235 -3.66 -13.05 43.41
N GLU A 236 -2.40 -13.51 43.37
CA GLU A 236 -1.35 -13.26 44.38
C GLU A 236 -0.09 -12.88 43.61
N VAL A 237 0.62 -11.86 44.06
CA VAL A 237 1.93 -11.44 43.49
C VAL A 237 3.04 -12.26 44.15
N THR A 238 3.64 -13.16 43.39
CA THR A 238 4.80 -13.99 43.75
C THR A 238 6.00 -13.46 42.98
N PRO A 239 7.25 -13.81 43.35
CA PRO A 239 8.42 -13.40 42.57
C PRO A 239 8.42 -14.01 41.15
N GLU A 240 7.88 -15.23 40.99
CA GLU A 240 7.72 -15.88 39.66
C GLU A 240 6.68 -15.08 38.82
N GLY A 241 5.63 -14.56 39.49
CA GLY A 241 4.59 -13.71 38.90
C GLY A 241 5.15 -12.39 38.38
N LEU A 242 6.03 -11.73 39.13
CA LEU A 242 6.65 -10.44 38.76
C LEU A 242 7.64 -10.60 37.60
N GLN A 243 8.31 -11.76 37.45
CA GLN A 243 9.28 -12.02 36.35
C GLN A 243 8.52 -12.14 35.01
N MET A 244 7.33 -12.75 35.03
CA MET A 244 6.41 -12.82 33.87
C MET A 244 5.99 -11.39 33.49
N VAL A 245 5.50 -10.59 34.44
CA VAL A 245 5.14 -9.16 34.21
C VAL A 245 6.34 -8.42 33.61
N LYS A 246 7.53 -8.61 34.17
CA LYS A 246 8.74 -7.88 33.69
C LYS A 246 9.02 -8.24 32.23
N LYS A 247 8.91 -9.53 31.86
CA LYS A 247 9.17 -10.03 30.48
C LYS A 247 8.13 -9.43 29.50
N ASN A 248 6.87 -9.31 29.91
CA ASN A 248 5.81 -8.62 29.14
C ASN A 248 6.22 -7.16 28.89
N PHE A 249 6.68 -6.43 29.91
CA PHE A 249 7.15 -5.02 29.77
C PHE A 249 8.37 -4.96 28.86
N GLU A 250 9.27 -5.93 28.94
CA GLU A 250 10.50 -6.00 28.09
C GLU A 250 10.09 -6.27 26.64
N TRP A 251 9.11 -7.13 26.44
CA TRP A 251 8.57 -7.46 25.11
C TRP A 251 8.11 -6.17 24.42
N VAL A 252 7.41 -5.31 25.15
CA VAL A 252 6.87 -4.06 24.56
C VAL A 252 8.04 -3.07 24.34
N ALA A 253 8.93 -2.94 25.31
CA ALA A 253 10.12 -2.05 25.24
C ALA A 253 10.98 -2.40 24.01
N GLU A 254 11.07 -3.67 23.64
CA GLU A 254 11.94 -4.13 22.52
C GLU A 254 11.30 -3.86 21.16
N ARG A 255 9.97 -3.69 21.11
CA ARG A 255 9.24 -3.46 19.85
C ARG A 255 8.84 -1.99 19.65
N VAL A 256 8.79 -1.14 20.68
CA VAL A 256 8.08 0.15 20.58
C VAL A 256 8.83 1.09 19.61
N GLU A 257 10.15 0.98 19.49
CA GLU A 257 10.97 1.87 18.61
C GLU A 257 10.66 1.61 17.12
N LEU A 258 10.21 0.40 16.78
CA LEU A 258 9.81 0.04 15.39
C LEU A 258 8.59 0.86 14.95
N LEU A 259 7.82 1.44 15.86
CA LEU A 259 6.65 2.31 15.51
C LEU A 259 7.12 3.60 14.84
N LEU A 260 8.40 3.93 14.96
CA LEU A 260 8.96 5.18 14.38
C LEU A 260 9.45 4.94 12.94
N LYS A 261 9.52 3.67 12.55
CA LYS A 261 10.08 3.26 11.23
C LYS A 261 8.98 3.02 10.18
N SER A 262 9.23 3.59 9.00
CA SER A 262 8.44 3.47 7.75
C SER A 262 8.53 2.03 7.23
N GLU A 263 7.39 1.39 7.06
CA GLU A 263 7.36 -0.03 6.61
C GLU A 263 7.50 -0.10 5.07
N SER A 264 7.10 0.98 4.38
CA SER A 264 6.97 1.06 2.90
C SER A 264 7.45 2.41 2.39
N GLN A 265 8.09 2.42 1.22
CA GLN A 265 8.63 3.65 0.59
C GLN A 265 7.54 4.32 -0.28
N CYS A 266 7.61 5.64 -0.37
CA CYS A 266 6.61 6.52 -1.02
C CYS A 266 7.39 7.52 -1.87
N ARG A 267 6.84 7.88 -3.03
CA ARG A 267 7.43 8.92 -3.90
C ARG A 267 6.32 9.52 -4.76
N VAL A 268 6.30 10.85 -4.88
CA VAL A 268 5.49 11.59 -5.88
C VAL A 268 6.46 12.09 -6.95
N VAL A 269 6.11 11.88 -8.22
CA VAL A 269 6.83 12.44 -9.39
C VAL A 269 5.87 13.40 -10.07
N VAL A 270 6.22 14.67 -10.08
CA VAL A 270 5.41 15.73 -10.74
C VAL A 270 6.01 15.97 -12.12
N LEU A 271 5.27 15.66 -13.15
CA LEU A 271 5.65 15.87 -14.54
C LEU A 271 4.97 17.15 -15.02
N MET A 272 5.76 18.11 -15.50
CA MET A 272 5.24 19.41 -16.02
C MET A 272 5.59 19.52 -17.51
N GLY A 273 4.60 19.93 -18.32
CA GLY A 273 4.77 20.18 -19.77
C GLY A 273 5.66 21.40 -20.10
N SER A 274 5.81 22.33 -19.16
CA SER A 274 6.47 23.64 -19.38
C SER A 274 7.07 24.15 -18.06
N THR A 275 8.24 24.78 -18.14
CA THR A 275 8.95 25.39 -16.97
C THR A 275 8.22 26.65 -16.48
N SER A 276 7.25 27.15 -17.24
CA SER A 276 6.41 28.31 -16.79
C SER A 276 5.43 27.88 -15.69
N ASP A 277 5.17 26.57 -15.53
CA ASP A 277 4.24 26.02 -14.51
C ASP A 277 5.06 25.55 -13.30
N LEU A 278 6.34 25.93 -13.23
CA LEU A 278 7.23 25.58 -12.11
C LEU A 278 6.68 26.04 -10.75
N GLY A 279 6.22 27.29 -10.63
CA GLY A 279 5.60 27.80 -9.41
C GLY A 279 4.52 26.86 -8.88
N HIS A 280 3.64 26.39 -9.75
CA HIS A 280 2.51 25.51 -9.39
C HIS A 280 3.10 24.18 -8.89
N CYS A 281 4.13 23.65 -9.53
CA CYS A 281 4.78 22.37 -9.14
C CYS A 281 5.56 22.52 -7.82
N GLU A 282 6.14 23.67 -7.55
CA GLU A 282 6.83 23.95 -6.26
C GLU A 282 5.83 23.81 -5.10
N LYS A 283 4.58 24.28 -5.27
CA LYS A 283 3.48 24.16 -4.25
C LYS A 283 3.14 22.68 -3.95
N ILE A 284 3.09 21.83 -4.97
CA ILE A 284 2.85 20.37 -4.81
C ILE A 284 4.03 19.79 -4.02
N LYS A 285 5.27 20.12 -4.42
CA LYS A 285 6.49 19.55 -3.78
C LYS A 285 6.55 19.96 -2.31
N LYS A 286 6.27 21.23 -2.01
CA LYS A 286 6.32 21.75 -0.64
C LYS A 286 5.31 20.97 0.21
N ALA A 287 4.07 20.88 -0.29
CA ALA A 287 2.93 20.23 0.40
C ALA A 287 3.23 18.74 0.62
N CYS A 288 3.96 18.09 -0.30
CA CYS A 288 4.38 16.67 -0.17
C CYS A 288 5.36 16.56 0.99
N GLY A 289 6.30 17.51 1.08
CA GLY A 289 7.27 17.62 2.20
C GLY A 289 6.59 17.58 3.55
N ASN A 290 5.42 18.23 3.69
CA ASN A 290 4.63 18.26 4.97
C ASN A 290 4.13 16.86 5.40
N PHE A 291 3.97 15.90 4.48
CA PHE A 291 3.58 14.49 4.78
C PHE A 291 4.80 13.55 4.85
N GLY A 292 6.03 14.07 4.67
CA GLY A 292 7.30 13.33 4.67
C GLY A 292 7.47 12.46 3.44
N ILE A 293 6.87 12.83 2.30
CA ILE A 293 6.91 12.04 1.03
C ILE A 293 7.87 12.78 0.09
N PRO A 294 8.98 12.12 -0.32
CA PRO A 294 9.90 12.69 -1.30
C PRO A 294 9.11 13.00 -2.59
N CYS A 295 9.45 14.09 -3.27
CA CYS A 295 8.75 14.61 -4.47
C CYS A 295 9.78 15.14 -5.46
N GLU A 296 9.83 14.55 -6.65
CA GLU A 296 10.71 14.95 -7.75
C GLU A 296 9.92 15.72 -8.83
N LEU A 297 10.54 16.76 -9.37
CA LEU A 297 10.06 17.52 -10.56
C LEU A 297 10.81 17.06 -11.82
N ARG A 298 10.09 16.91 -12.92
CA ARG A 298 10.63 16.51 -14.22
C ARG A 298 9.89 17.31 -15.29
N VAL A 299 10.56 17.64 -16.38
CA VAL A 299 9.96 18.42 -17.49
C VAL A 299 9.85 17.48 -18.66
N THR A 300 8.62 17.29 -19.19
CA THR A 300 8.37 16.46 -20.38
C THR A 300 7.03 16.88 -20.99
N SER A 301 6.92 16.89 -22.32
CA SER A 301 5.68 17.22 -23.04
C SER A 301 5.16 15.97 -23.75
N ALA A 302 3.86 15.67 -23.59
CA ALA A 302 3.27 14.52 -24.31
C ALA A 302 3.19 14.86 -25.79
N HIS A 303 2.98 16.14 -26.09
CA HIS A 303 2.72 16.65 -27.45
C HIS A 303 4.03 16.67 -28.21
N LYS A 304 5.12 17.13 -27.58
CA LYS A 304 6.36 17.51 -28.31
C LYS A 304 7.47 16.49 -28.04
N GLY A 305 7.33 15.64 -27.05
CA GLY A 305 8.35 14.62 -26.72
C GLY A 305 7.73 13.38 -26.06
N PRO A 306 6.75 12.73 -26.70
CA PRO A 306 6.05 11.58 -26.12
C PRO A 306 7.01 10.40 -25.89
N ASP A 307 7.98 10.22 -26.76
CA ASP A 307 9.07 9.21 -26.64
C ASP A 307 9.79 9.41 -25.28
N GLU A 308 10.10 10.66 -24.94
CA GLU A 308 10.85 11.02 -23.71
C GLU A 308 9.94 10.85 -22.49
N THR A 309 8.65 11.21 -22.60
CA THR A 309 7.65 11.01 -21.51
C THR A 309 7.65 9.52 -21.09
N LEU A 310 7.54 8.60 -22.04
CA LEU A 310 7.52 7.13 -21.78
C LEU A 310 8.85 6.64 -21.18
N ARG A 311 10.00 7.15 -21.63
CA ARG A 311 11.34 6.76 -21.09
C ARG A 311 11.45 7.23 -19.61
N ILE A 312 10.99 8.47 -19.31
CA ILE A 312 11.00 9.01 -17.92
C ILE A 312 10.07 8.16 -17.03
N LYS A 313 8.89 7.86 -17.54
CA LYS A 313 7.90 7.02 -16.86
C LYS A 313 8.62 5.73 -16.48
N ALA A 314 9.31 5.11 -17.44
CA ALA A 314 9.99 3.79 -17.26
C ALA A 314 11.03 3.84 -16.13
N GLU A 315 11.73 4.98 -15.96
CA GLU A 315 12.76 5.18 -14.92
C GLU A 315 12.11 4.98 -13.55
N TYR A 316 10.88 5.46 -13.36
CA TYR A 316 10.20 5.48 -12.05
C TYR A 316 9.39 4.19 -11.83
N GLU A 317 8.91 3.60 -12.90
CA GLU A 317 8.24 2.28 -12.87
C GLU A 317 9.25 1.16 -12.53
N GLY A 318 10.53 1.36 -12.83
CA GLY A 318 11.51 0.27 -12.96
C GLY A 318 12.40 0.06 -11.75
N ASP A 319 12.35 0.91 -10.71
CA ASP A 319 13.32 0.83 -9.57
C ASP A 319 12.65 0.33 -8.29
N GLY A 320 11.40 -0.16 -8.36
CA GLY A 320 10.76 -0.87 -7.23
C GLY A 320 10.25 0.06 -6.13
N ILE A 321 10.20 1.37 -6.36
CA ILE A 321 9.64 2.33 -5.36
C ILE A 321 8.21 2.74 -5.76
N PRO A 322 7.20 2.42 -4.93
CA PRO A 322 5.81 2.81 -5.19
C PRO A 322 5.69 4.33 -5.45
N THR A 323 5.09 4.67 -6.58
CA THR A 323 5.10 6.03 -7.15
C THR A 323 3.69 6.50 -7.50
N VAL A 324 3.35 7.74 -7.15
CA VAL A 324 2.18 8.44 -7.72
C VAL A 324 2.70 9.56 -8.64
N PHE A 325 2.28 9.56 -9.91
CA PHE A 325 2.59 10.59 -10.92
C PHE A 325 1.53 11.70 -10.82
N VAL A 326 1.97 12.94 -10.80
CA VAL A 326 1.06 14.12 -10.83
C VAL A 326 1.38 14.89 -12.11
N ALA A 327 0.41 14.95 -13.04
CA ALA A 327 0.61 15.57 -14.38
C ALA A 327 0.12 17.01 -14.28
N VAL A 328 1.03 17.94 -14.57
CA VAL A 328 0.75 19.39 -14.61
C VAL A 328 0.90 19.87 -16.05
N ALA A 329 -0.21 20.01 -16.77
CA ALA A 329 -0.23 20.47 -18.19
C ALA A 329 -1.30 21.53 -18.35
N GLY A 330 -0.91 22.74 -18.74
CA GLY A 330 -1.82 23.84 -19.06
C GLY A 330 -2.53 23.57 -20.38
N ARG A 331 -3.64 24.28 -20.61
CA ARG A 331 -4.42 24.19 -21.87
C ARG A 331 -4.83 22.72 -22.07
N SER A 332 -4.74 22.20 -23.29
CA SER A 332 -5.18 20.82 -23.64
C SER A 332 -4.20 19.82 -23.01
N ASN A 333 -4.61 19.27 -21.87
CA ASN A 333 -3.81 18.31 -21.06
C ASN A 333 -3.81 16.95 -21.79
N GLY A 334 -2.71 16.62 -22.48
CA GLY A 334 -2.45 15.26 -23.02
C GLY A 334 -1.49 14.45 -22.16
N LEU A 335 -0.79 15.09 -21.22
CA LEU A 335 0.27 14.47 -20.38
C LEU A 335 -0.36 13.53 -19.34
N GLY A 336 -1.47 13.93 -18.72
CA GLY A 336 -2.20 13.07 -17.78
C GLY A 336 -2.72 11.82 -18.47
N PRO A 337 -3.58 11.99 -19.48
CA PRO A 337 -4.05 10.89 -20.31
C PRO A 337 -2.99 9.93 -20.86
N VAL A 338 -1.97 10.41 -21.58
CA VAL A 338 -0.90 9.54 -22.13
C VAL A 338 -0.25 8.76 -20.96
N MET A 339 0.11 9.43 -19.85
CA MET A 339 0.77 8.76 -18.71
C MET A 339 -0.19 7.70 -18.18
N SER A 340 -1.45 8.09 -18.00
CA SER A 340 -2.50 7.23 -17.42
C SER A 340 -2.65 5.96 -18.28
N GLY A 341 -2.56 6.09 -19.59
CA GLY A 341 -2.75 4.97 -20.52
C GLY A 341 -1.58 4.02 -20.56
N ASN A 342 -0.42 4.40 -20.00
CA ASN A 342 0.83 3.62 -20.19
C ASN A 342 1.51 3.23 -18.88
N THR A 343 0.87 3.43 -17.73
CA THR A 343 1.38 2.96 -16.41
C THR A 343 0.25 2.31 -15.63
N ALA A 344 0.61 1.33 -14.81
CA ALA A 344 -0.29 0.71 -13.82
C ALA A 344 -0.31 1.54 -12.54
N TYR A 345 0.61 2.47 -12.36
CA TYR A 345 0.62 3.35 -11.15
C TYR A 345 -0.45 4.42 -11.30
N PRO A 346 -0.94 5.00 -10.21
CA PRO A 346 -1.93 6.06 -10.31
C PRO A 346 -1.38 7.34 -10.94
N VAL A 347 -2.21 8.03 -11.73
CA VAL A 347 -1.90 9.39 -12.28
C VAL A 347 -2.98 10.36 -11.83
N ILE A 348 -2.54 11.53 -11.36
CA ILE A 348 -3.44 12.65 -10.93
C ILE A 348 -3.11 13.82 -11.87
N SER A 349 -4.10 14.32 -12.60
CA SER A 349 -3.96 15.61 -13.31
C SER A 349 -4.23 16.73 -12.30
N CYS A 350 -3.26 17.61 -12.12
CA CYS A 350 -3.45 18.87 -11.36
C CYS A 350 -3.10 20.02 -12.30
N PRO A 351 -4.05 20.40 -13.18
CA PRO A 351 -3.79 21.43 -14.19
C PRO A 351 -3.72 22.83 -13.56
N PRO A 352 -2.80 23.70 -14.02
CA PRO A 352 -2.68 25.07 -13.50
C PRO A 352 -3.73 26.00 -14.13
N LEU A 353 -5.01 25.78 -13.79
CA LEU A 353 -6.17 26.59 -14.26
C LEU A 353 -6.08 27.99 -13.67
N THR A 354 -6.33 29.00 -14.51
CA THR A 354 -6.63 30.40 -14.08
C THR A 354 -8.07 30.71 -14.51
N PRO A 355 -8.71 31.78 -13.98
CA PRO A 355 -10.08 32.15 -14.37
C PRO A 355 -10.29 32.53 -15.86
N ASP A 356 -9.22 32.77 -16.60
CA ASP A 356 -9.28 33.25 -18.01
C ASP A 356 -9.90 32.13 -18.88
N TRP A 357 -9.29 30.94 -18.87
CA TRP A 357 -9.64 29.81 -19.76
C TRP A 357 -9.84 28.48 -18.99
N GLY A 358 -9.86 28.51 -17.65
CA GLY A 358 -9.85 27.31 -16.79
C GLY A 358 -11.12 26.50 -16.94
N VAL A 359 -12.27 27.17 -17.09
CA VAL A 359 -13.59 26.53 -17.36
C VAL A 359 -13.48 25.69 -18.66
N GLN A 360 -12.70 26.12 -19.63
CA GLN A 360 -12.57 25.44 -20.96
C GLN A 360 -11.52 24.31 -20.88
N ASP A 361 -10.38 24.58 -20.24
CA ASP A 361 -9.20 23.68 -20.19
C ASP A 361 -9.44 22.42 -19.36
N VAL A 362 -10.22 22.52 -18.27
CA VAL A 362 -10.45 21.44 -17.26
C VAL A 362 -11.04 20.18 -17.93
N TRP A 363 -11.86 20.33 -18.96
CA TRP A 363 -12.56 19.20 -19.62
C TRP A 363 -11.55 18.25 -20.31
N SER A 364 -10.37 18.71 -20.69
CA SER A 364 -9.33 17.84 -21.31
C SER A 364 -8.72 16.90 -20.26
N SER A 365 -8.85 17.20 -18.96
CA SER A 365 -8.46 16.32 -17.82
C SER A 365 -9.62 15.36 -17.46
N LEU A 366 -10.87 15.80 -17.62
CA LEU A 366 -12.10 15.14 -17.08
C LEU A 366 -12.72 14.13 -18.05
N ARG A 367 -12.79 14.42 -19.35
CA ARG A 367 -13.55 13.55 -20.30
C ARG A 367 -12.53 12.77 -21.13
N LEU A 368 -12.31 11.51 -20.76
CA LEU A 368 -11.22 10.66 -21.27
C LEU A 368 -11.80 9.45 -22.01
N PRO A 369 -11.09 8.86 -23.00
CA PRO A 369 -11.54 7.61 -23.60
C PRO A 369 -11.59 6.50 -22.56
N SER A 370 -12.37 5.45 -22.83
CA SER A 370 -12.52 4.28 -21.92
C SER A 370 -11.14 3.65 -21.73
N GLY A 371 -10.90 3.00 -20.59
CA GLY A 371 -9.62 2.30 -20.32
C GLY A 371 -8.56 3.18 -19.70
N LEU A 372 -8.94 4.37 -19.23
CA LEU A 372 -8.06 5.38 -18.54
C LEU A 372 -8.64 5.69 -17.14
N GLY A 373 -7.83 5.52 -16.10
CA GLY A 373 -8.22 5.76 -14.70
C GLY A 373 -7.89 7.16 -14.23
N CYS A 374 -7.17 7.94 -15.03
CA CYS A 374 -6.63 9.27 -14.66
C CYS A 374 -7.68 10.04 -13.84
N SER A 375 -7.32 10.45 -12.61
CA SER A 375 -8.15 11.30 -11.70
C SER A 375 -7.80 12.80 -11.84
N THR A 376 -8.68 13.70 -11.36
CA THR A 376 -8.45 15.16 -11.37
C THR A 376 -8.58 15.76 -9.97
N VAL A 377 -7.58 16.57 -9.60
CA VAL A 377 -7.60 17.40 -8.37
C VAL A 377 -7.08 18.78 -8.75
N LEU A 378 -7.92 19.80 -8.61
CA LEU A 378 -7.60 21.18 -9.05
C LEU A 378 -6.62 21.86 -8.07
N SER A 379 -6.74 21.64 -6.77
CA SER A 379 -5.84 22.29 -5.77
C SER A 379 -4.47 21.60 -5.84
N PRO A 380 -3.36 22.36 -5.93
CA PRO A 380 -2.04 21.74 -5.85
C PRO A 380 -1.72 21.17 -4.45
N GLU A 381 -2.04 21.88 -3.36
CA GLU A 381 -1.97 21.31 -1.97
C GLU A 381 -2.88 20.07 -1.90
N GLY A 382 -4.07 20.15 -2.48
CA GLY A 382 -5.00 19.00 -2.58
C GLY A 382 -4.41 17.76 -3.26
N SER A 383 -3.62 17.93 -4.31
CA SER A 383 -3.10 16.79 -5.09
C SER A 383 -2.05 16.10 -4.24
N ALA A 384 -1.33 16.87 -3.43
CA ALA A 384 -0.32 16.30 -2.49
C ALA A 384 -1.07 15.49 -1.43
N GLN A 385 -2.10 16.08 -0.87
CA GLN A 385 -2.91 15.41 0.16
C GLN A 385 -3.51 14.11 -0.38
N PHE A 386 -3.97 14.13 -1.63
CA PHE A 386 -4.59 12.93 -2.22
C PHE A 386 -3.49 11.88 -2.39
N ALA A 387 -2.32 12.30 -2.87
CA ALA A 387 -1.15 11.40 -3.02
C ALA A 387 -0.81 10.80 -1.63
N ALA A 388 -0.88 11.62 -0.57
CA ALA A 388 -0.60 11.17 0.83
C ALA A 388 -1.64 10.12 1.27
N GLN A 389 -2.91 10.40 0.98
CA GLN A 389 -4.04 9.52 1.35
C GLN A 389 -3.80 8.17 0.68
N ILE A 390 -3.33 8.14 -0.57
CA ILE A 390 -3.00 6.89 -1.30
C ILE A 390 -1.90 6.16 -0.52
N PHE A 391 -0.83 6.86 -0.13
CA PHE A 391 0.31 6.18 0.53
C PHE A 391 -0.08 5.82 1.97
N GLY A 392 -1.05 6.52 2.53
CA GLY A 392 -1.53 6.26 3.90
C GLY A 392 -2.13 4.87 4.03
N LEU A 393 -2.59 4.26 2.94
CA LEU A 393 -3.11 2.87 2.97
C LEU A 393 -2.01 1.88 3.34
N SER A 394 -0.74 2.22 3.11
CA SER A 394 0.44 1.34 3.31
C SER A 394 1.37 1.89 4.38
N ASN A 395 1.34 3.19 4.68
CA ASN A 395 2.36 3.86 5.52
C ASN A 395 1.66 4.50 6.71
N HIS A 396 1.84 3.93 7.89
CA HIS A 396 1.22 4.41 9.15
C HIS A 396 1.71 5.82 9.49
N LEU A 397 2.93 6.18 9.14
CA LEU A 397 3.48 7.53 9.44
C LEU A 397 2.72 8.57 8.62
N VAL A 398 2.53 8.32 7.32
CA VAL A 398 1.79 9.26 6.44
C VAL A 398 0.34 9.30 6.94
N TRP A 399 -0.24 8.12 7.19
CA TRP A 399 -1.64 8.03 7.65
C TRP A 399 -1.80 8.97 8.85
N SER A 400 -0.89 8.88 9.81
CA SER A 400 -0.96 9.57 11.12
C SER A 400 -0.89 11.08 10.93
N LYS A 401 -0.12 11.55 9.96
CA LYS A 401 -0.05 13.00 9.66
C LYS A 401 -1.40 13.43 9.12
N LEU A 402 -2.04 12.60 8.31
CA LEU A 402 -3.37 12.94 7.72
C LEU A 402 -4.39 12.99 8.86
N ARG A 403 -4.34 11.96 9.74
CA ARG A 403 -5.28 11.83 10.88
C ARG A 403 -5.14 13.04 11.83
N ALA A 404 -3.94 13.42 12.16
CA ALA A 404 -3.69 14.52 13.11
C ALA A 404 -4.11 15.85 12.44
N SER A 405 -3.93 15.95 11.14
CA SER A 405 -4.31 17.17 10.37
C SER A 405 -5.86 17.34 10.37
N ILE A 406 -6.62 16.25 10.30
CA ILE A 406 -8.10 16.32 10.42
C ILE A 406 -8.41 16.88 11.80
N LEU A 407 -7.71 16.42 12.85
CA LEU A 407 -7.97 16.93 14.22
C LEU A 407 -7.63 18.43 14.28
N ASN A 408 -6.44 18.80 13.89
CA ASN A 408 -5.89 20.16 14.07
C ASN A 408 -6.79 21.14 13.32
N THR A 409 -7.21 20.80 12.10
CA THR A 409 -8.12 21.65 11.29
C THR A 409 -9.44 21.83 12.02
N TRP A 410 -9.97 20.77 12.60
CA TRP A 410 -11.25 20.80 13.35
C TRP A 410 -11.06 21.69 14.59
N ILE A 411 -9.94 21.52 15.29
CA ILE A 411 -9.62 22.38 16.47
C ILE A 411 -9.61 23.85 16.05
N SER A 412 -8.94 24.18 14.93
CA SER A 412 -8.88 25.56 14.37
C SER A 412 -10.27 26.17 14.16
N LEU A 413 -11.19 25.39 13.62
CA LEU A 413 -12.60 25.88 13.42
C LEU A 413 -13.25 26.20 14.77
N LYS A 414 -13.19 25.28 15.73
CA LYS A 414 -13.71 25.51 17.11
C LYS A 414 -13.12 26.82 17.68
N GLN A 415 -11.82 27.08 17.53
CA GLN A 415 -11.10 28.28 18.08
C GLN A 415 -11.59 29.54 17.35
N ALA A 416 -11.72 29.53 16.02
CA ALA A 416 -12.24 30.68 15.24
C ALA A 416 -13.71 30.94 15.61
N ASP A 417 -14.51 29.90 15.85
CA ASP A 417 -15.93 30.09 16.24
C ASP A 417 -15.97 30.75 17.62
N LYS A 418 -15.12 30.27 18.54
CA LYS A 418 -15.03 30.80 19.91
C LYS A 418 -14.68 32.29 19.85
N LYS A 419 -13.76 32.68 18.99
CA LYS A 419 -13.30 34.08 18.85
C LYS A 419 -14.48 34.95 18.38
N ILE A 420 -15.08 34.61 17.25
CA ILE A 420 -16.17 35.41 16.60
C ILE A 420 -17.42 35.46 17.50
N ARG A 421 -17.63 34.46 18.33
CA ARG A 421 -18.76 34.39 19.28
C ARG A 421 -18.63 35.51 20.33
N GLU A 422 -17.42 35.87 20.71
CA GLU A 422 -17.16 36.96 21.70
C GLU A 422 -17.52 38.32 21.07
N CYS A 423 -17.31 38.48 19.76
CA CYS A 423 -17.76 39.65 18.95
C CYS A 423 -19.25 39.53 18.57
N ASN A 424 -20.04 38.89 19.42
CA ASN A 424 -21.51 38.71 19.22
C ASN A 424 -22.21 39.30 20.45
N LEU A 425 -21.53 40.19 21.16
CA LEU A 425 -22.06 40.86 22.37
C LEU A 425 -21.70 42.35 22.34
N LEU B 7 -8.09 -40.49 -18.06
CA LEU B 7 -7.36 -39.61 -19.05
C LEU B 7 -6.83 -40.50 -20.21
N ASN B 8 -7.31 -40.25 -21.43
CA ASN B 8 -6.98 -41.07 -22.63
C ASN B 8 -5.74 -40.48 -23.33
N ILE B 9 -4.56 -41.03 -23.02
CA ILE B 9 -3.25 -40.63 -23.63
C ILE B 9 -3.19 -41.24 -25.02
N GLY B 10 -2.76 -40.47 -26.01
CA GLY B 10 -2.59 -40.84 -27.43
C GLY B 10 -1.15 -41.15 -27.74
N LYS B 11 -0.72 -40.81 -28.96
CA LYS B 11 0.69 -41.05 -29.43
C LYS B 11 1.62 -39.92 -28.96
N LYS B 12 2.90 -40.27 -28.78
CA LYS B 12 3.99 -39.32 -28.47
C LYS B 12 4.25 -38.49 -29.72
N LEU B 13 4.00 -37.18 -29.68
CA LEU B 13 4.16 -36.26 -30.84
C LEU B 13 5.62 -35.83 -31.00
N TYR B 14 6.24 -35.31 -29.94
CA TYR B 14 7.65 -34.85 -29.91
C TYR B 14 8.25 -35.25 -28.57
N GLU B 15 9.57 -35.29 -28.51
CA GLU B 15 10.36 -35.53 -27.28
C GLU B 15 11.62 -34.66 -27.38
N GLY B 16 11.94 -33.90 -26.34
CA GLY B 16 13.16 -33.08 -26.32
C GLY B 16 13.99 -33.45 -25.10
N LYS B 17 14.88 -32.55 -24.70
CA LYS B 17 15.86 -32.78 -23.60
C LYS B 17 15.12 -32.97 -22.27
N THR B 18 13.99 -32.31 -22.06
CA THR B 18 13.38 -32.30 -20.71
C THR B 18 11.88 -32.57 -20.72
N LYS B 19 11.22 -32.68 -21.87
CA LYS B 19 9.75 -32.82 -21.90
C LYS B 19 9.28 -33.72 -23.05
N GLU B 20 8.23 -34.48 -22.83
CA GLU B 20 7.58 -35.31 -23.86
C GLU B 20 6.20 -34.74 -24.06
N VAL B 21 5.75 -34.62 -25.29
CA VAL B 21 4.41 -34.07 -25.65
C VAL B 21 3.56 -35.19 -26.25
N TYR B 22 2.37 -35.42 -25.69
CA TYR B 22 1.43 -36.51 -26.06
C TYR B 22 0.13 -35.86 -26.51
N GLU B 23 -0.50 -36.47 -27.53
CA GLU B 23 -1.86 -36.11 -27.97
C GLU B 23 -2.86 -36.67 -26.94
N LEU B 24 -4.00 -36.00 -26.76
CA LEU B 24 -5.11 -36.41 -25.87
C LEU B 24 -6.32 -36.71 -26.75
N LEU B 25 -6.74 -37.99 -26.79
CA LEU B 25 -7.65 -38.51 -27.84
C LEU B 25 -9.06 -37.97 -27.61
N ASP B 26 -9.45 -37.71 -26.38
CA ASP B 26 -10.80 -37.14 -26.04
C ASP B 26 -10.81 -35.61 -26.04
N SER B 27 -9.66 -34.93 -26.24
CA SER B 27 -9.50 -33.46 -26.02
C SER B 27 -8.95 -32.79 -27.27
N PRO B 28 -9.80 -32.26 -28.16
CA PRO B 28 -9.29 -31.78 -29.45
C PRO B 28 -8.48 -30.49 -29.22
N GLY B 29 -7.31 -30.43 -29.85
CA GLY B 29 -6.47 -29.22 -29.81
C GLY B 29 -5.78 -29.00 -28.46
N LYS B 30 -5.69 -30.02 -27.62
CA LYS B 30 -4.96 -30.00 -26.33
C LYS B 30 -3.92 -31.12 -26.30
N VAL B 31 -2.84 -30.93 -25.54
CA VAL B 31 -1.75 -31.92 -25.39
C VAL B 31 -1.33 -31.99 -23.94
N LEU B 32 -0.64 -33.08 -23.59
CA LEU B 32 -0.03 -33.33 -22.27
C LEU B 32 1.48 -33.19 -22.40
N LEU B 33 2.06 -32.28 -21.60
CA LEU B 33 3.51 -32.06 -21.53
C LEU B 33 4.04 -32.70 -20.26
N GLN B 34 4.71 -33.85 -20.43
CA GLN B 34 5.34 -34.67 -19.38
C GLN B 34 6.80 -34.24 -19.22
N SER B 35 7.16 -33.76 -18.04
CA SER B 35 8.54 -33.33 -17.69
C SER B 35 9.35 -34.58 -17.34
N LYS B 36 10.66 -34.55 -17.59
CA LYS B 36 11.62 -35.65 -17.34
C LYS B 36 12.62 -35.20 -16.29
N ASP B 37 13.21 -36.13 -15.53
CA ASP B 37 14.17 -35.82 -14.43
C ASP B 37 15.55 -35.57 -15.03
N GLN B 38 15.63 -34.63 -15.96
CA GLN B 38 16.89 -34.31 -16.68
C GLN B 38 17.18 -32.83 -16.57
N ILE B 39 18.43 -32.51 -16.25
CA ILE B 39 18.92 -31.11 -16.30
C ILE B 39 20.05 -31.07 -17.33
N THR B 40 20.14 -30.01 -18.12
CA THR B 40 21.16 -29.86 -19.18
C THR B 40 21.67 -28.42 -19.17
N ALA B 41 22.82 -28.15 -19.81
CA ALA B 41 23.36 -26.80 -20.04
C ALA B 41 24.10 -26.77 -21.38
N GLY B 42 24.04 -25.60 -22.05
CA GLY B 42 24.79 -25.28 -23.29
C GLY B 42 24.35 -26.18 -24.44
N ASN B 43 25.23 -26.32 -25.44
CA ASN B 43 25.00 -27.17 -26.63
C ASN B 43 25.68 -28.53 -26.45
N ALA B 44 26.53 -28.66 -25.42
CA ALA B 44 27.53 -29.73 -25.23
C ALA B 44 27.04 -30.77 -24.20
N ALA B 45 27.99 -31.47 -23.57
CA ALA B 45 27.81 -32.76 -22.87
C ALA B 45 27.33 -32.57 -21.42
N ARG B 46 27.01 -31.32 -21.03
CA ARG B 46 26.45 -31.06 -19.68
C ARG B 46 25.00 -31.56 -19.66
N LYS B 47 24.82 -32.78 -19.16
CA LYS B 47 23.52 -33.48 -19.00
C LYS B 47 23.63 -34.33 -17.73
N ASN B 48 22.55 -34.41 -16.98
CA ASN B 48 22.51 -35.17 -15.70
C ASN B 48 21.09 -35.61 -15.41
N HIS B 49 20.99 -36.79 -14.84
CA HIS B 49 19.74 -37.23 -14.19
C HIS B 49 19.72 -36.51 -12.85
N LEU B 50 18.57 -36.00 -12.46
CA LEU B 50 18.37 -35.29 -11.18
C LEU B 50 16.96 -35.64 -10.70
N GLU B 51 16.85 -36.40 -9.62
CA GLU B 51 15.53 -36.92 -9.17
C GLU B 51 14.73 -35.76 -8.55
N GLY B 52 13.47 -35.59 -8.98
CA GLY B 52 12.56 -34.54 -8.49
C GLY B 52 12.61 -33.27 -9.33
N LYS B 53 13.53 -33.18 -10.29
CA LYS B 53 13.59 -32.02 -11.23
C LYS B 53 12.27 -31.91 -12.01
N ALA B 54 11.77 -33.03 -12.53
CA ALA B 54 10.50 -33.07 -13.31
C ALA B 54 9.36 -32.43 -12.51
N ALA B 55 9.26 -32.74 -11.20
CA ALA B 55 8.20 -32.27 -10.30
C ALA B 55 8.36 -30.76 -9.98
N ILE B 56 9.61 -30.33 -9.85
CA ILE B 56 9.99 -28.93 -9.59
C ILE B 56 9.69 -28.07 -10.82
N SER B 57 10.15 -28.46 -12.01
CA SER B 57 9.84 -27.74 -13.30
C SER B 57 8.33 -27.62 -13.51
N ASN B 58 7.61 -28.72 -13.33
CA ASN B 58 6.15 -28.76 -13.54
C ASN B 58 5.46 -27.84 -12.55
N LYS B 59 5.88 -27.85 -11.30
CA LYS B 59 5.27 -27.04 -10.22
C LYS B 59 5.49 -25.55 -10.50
N ILE B 60 6.71 -25.16 -10.84
CA ILE B 60 7.06 -23.74 -11.16
C ILE B 60 6.24 -23.25 -12.36
N THR B 61 6.29 -23.94 -13.49
CA THR B 61 5.56 -23.48 -14.71
C THR B 61 4.05 -23.46 -14.46
N SER B 62 3.55 -24.37 -13.65
CA SER B 62 2.09 -24.49 -13.37
C SER B 62 1.65 -23.29 -12.53
N CYS B 63 2.41 -22.95 -11.48
CA CYS B 63 2.19 -21.73 -10.65
C CYS B 63 2.39 -20.46 -11.52
N ILE B 64 3.49 -20.35 -12.25
CA ILE B 64 3.77 -19.11 -13.03
C ILE B 64 2.69 -18.94 -14.11
N PHE B 65 2.28 -20.01 -14.80
CA PHE B 65 1.28 -19.89 -15.88
C PHE B 65 -0.08 -19.52 -15.30
N GLN B 66 -0.42 -20.04 -14.13
CA GLN B 66 -1.72 -19.71 -13.48
C GLN B 66 -1.70 -18.22 -13.09
N LEU B 67 -0.58 -17.74 -12.58
CA LEU B 67 -0.39 -16.34 -12.16
C LEU B 67 -0.58 -15.44 -13.39
N LEU B 68 0.13 -15.73 -14.48
CA LEU B 68 0.07 -14.92 -15.71
C LEU B 68 -1.34 -15.00 -16.28
N GLN B 69 -1.97 -16.16 -16.20
CA GLN B 69 -3.32 -16.36 -16.79
C GLN B 69 -4.36 -15.57 -16.00
N GLU B 70 -4.27 -15.53 -14.67
CA GLU B 70 -5.24 -14.85 -13.77
C GLU B 70 -5.06 -13.33 -13.85
N ALA B 71 -3.87 -12.85 -14.20
CA ALA B 71 -3.60 -11.44 -14.55
C ALA B 71 -4.26 -11.06 -15.88
N GLY B 72 -4.34 -11.99 -16.84
CA GLY B 72 -4.99 -11.75 -18.16
C GLY B 72 -4.04 -11.93 -19.33
N ILE B 73 -2.79 -12.37 -19.09
CA ILE B 73 -1.83 -12.72 -20.18
C ILE B 73 -2.32 -13.98 -20.90
N LYS B 74 -2.37 -13.96 -22.22
CA LYS B 74 -2.86 -15.11 -23.01
C LYS B 74 -1.80 -16.19 -23.01
N THR B 75 -2.12 -17.38 -22.49
CA THR B 75 -1.09 -18.40 -22.15
C THR B 75 -1.59 -19.79 -22.54
N ALA B 76 -0.71 -20.61 -23.12
CA ALA B 76 -0.99 -22.03 -23.43
C ALA B 76 -0.84 -22.85 -22.13
N PHE B 77 -1.87 -22.79 -21.30
CA PHE B 77 -1.97 -23.60 -20.07
C PHE B 77 -3.44 -23.86 -19.79
N THR B 78 -3.80 -25.12 -19.54
CA THR B 78 -5.19 -25.52 -19.16
C THR B 78 -5.19 -25.79 -17.65
N ARG B 79 -4.46 -26.79 -17.21
CA ARG B 79 -4.39 -27.20 -15.80
C ARG B 79 -3.18 -28.11 -15.55
N LYS B 80 -2.79 -28.19 -14.28
CA LYS B 80 -1.79 -29.16 -13.78
C LYS B 80 -2.41 -30.55 -13.90
N CYS B 81 -1.58 -31.55 -14.15
CA CYS B 81 -2.04 -32.94 -14.30
C CYS B 81 -1.09 -33.88 -13.55
N GLY B 82 -1.18 -33.84 -12.22
CA GLY B 82 -0.29 -34.59 -11.32
C GLY B 82 1.05 -33.89 -11.10
N GLU B 83 1.96 -34.54 -10.40
CA GLU B 83 3.26 -33.98 -9.96
C GLU B 83 4.09 -33.52 -11.18
N THR B 84 4.06 -34.21 -12.33
CA THR B 84 5.14 -34.04 -13.35
C THR B 84 4.61 -33.69 -14.75
N ALA B 85 3.33 -33.39 -14.91
CA ALA B 85 2.80 -32.99 -16.23
C ALA B 85 1.79 -31.85 -16.09
N PHE B 86 1.41 -31.31 -17.25
CA PHE B 86 0.34 -30.28 -17.36
C PHE B 86 -0.31 -30.43 -18.72
N ILE B 87 -1.58 -30.04 -18.80
CA ILE B 87 -2.38 -30.01 -20.05
C ILE B 87 -2.23 -28.61 -20.63
N ALA B 88 -2.05 -28.50 -21.93
CA ALA B 88 -1.97 -27.17 -22.59
C ALA B 88 -2.68 -27.24 -23.93
N PRO B 89 -3.15 -26.10 -24.44
CA PRO B 89 -3.51 -25.98 -25.84
C PRO B 89 -2.26 -26.26 -26.67
N GLN B 90 -2.43 -27.07 -27.71
CA GLN B 90 -1.39 -27.41 -28.69
C GLN B 90 -1.06 -26.14 -29.49
N CYS B 91 0.20 -25.84 -29.63
CA CYS B 91 0.71 -24.68 -30.36
C CYS B 91 1.71 -25.13 -31.44
N GLU B 92 1.74 -24.42 -32.55
CA GLU B 92 2.89 -24.41 -33.49
C GLU B 92 3.87 -23.38 -32.94
N MET B 93 4.99 -23.85 -32.42
CA MET B 93 5.97 -23.00 -31.72
C MET B 93 6.72 -22.13 -32.74
N ILE B 94 6.86 -20.84 -32.43
CA ILE B 94 7.72 -19.87 -33.15
C ILE B 94 9.15 -20.05 -32.66
N PRO B 95 10.13 -20.35 -33.54
CA PRO B 95 11.44 -20.83 -33.09
C PRO B 95 12.37 -19.63 -32.80
N ILE B 96 11.92 -18.80 -31.86
CA ILE B 96 12.64 -17.60 -31.35
C ILE B 96 12.64 -17.67 -29.83
N GLU B 97 13.79 -17.38 -29.22
CA GLU B 97 13.93 -17.12 -27.77
C GLU B 97 13.85 -15.62 -27.56
N TRP B 98 12.84 -15.17 -26.85
CA TRP B 98 12.56 -13.77 -26.44
C TRP B 98 13.14 -13.59 -25.05
N VAL B 99 14.16 -12.76 -24.93
CA VAL B 99 14.82 -12.44 -23.65
C VAL B 99 14.43 -11.02 -23.24
N CYS B 100 14.20 -10.83 -21.96
CA CYS B 100 13.99 -9.51 -21.34
C CYS B 100 15.00 -9.34 -20.19
N ARG B 101 15.66 -8.18 -20.12
CA ARG B 101 16.70 -7.87 -19.10
C ARG B 101 16.28 -6.63 -18.30
N ARG B 102 16.33 -6.71 -16.96
CA ARG B 102 16.37 -5.53 -16.07
C ARG B 102 17.84 -5.17 -15.80
N ILE B 103 18.72 -6.18 -15.70
CA ILE B 103 20.15 -5.98 -15.31
C ILE B 103 21.04 -6.61 -16.38
N ALA B 104 22.05 -5.87 -16.81
CA ALA B 104 23.06 -6.35 -17.76
C ALA B 104 23.92 -7.42 -17.09
N THR B 105 23.89 -8.65 -17.61
CA THR B 105 24.76 -9.79 -17.23
C THR B 105 24.80 -10.78 -18.40
N GLY B 106 25.48 -11.92 -18.23
CA GLY B 106 25.54 -13.02 -19.20
C GLY B 106 25.93 -12.54 -20.59
N SER B 107 25.15 -12.89 -21.62
CA SER B 107 25.54 -12.69 -23.03
C SER B 107 25.47 -11.19 -23.35
N PHE B 108 24.73 -10.39 -22.59
CA PHE B 108 24.66 -8.95 -22.90
C PHE B 108 26.04 -8.33 -22.75
N LEU B 109 26.79 -8.69 -21.72
CA LEU B 109 28.18 -8.22 -21.49
C LEU B 109 29.13 -8.71 -22.60
N LYS B 110 29.03 -9.96 -23.02
CA LYS B 110 29.92 -10.52 -24.07
C LYS B 110 29.70 -9.77 -25.39
N ARG B 111 28.44 -9.54 -25.79
CA ARG B 111 28.05 -8.86 -27.05
C ARG B 111 28.24 -7.31 -26.95
N ASN B 112 28.37 -6.73 -25.75
CA ASN B 112 28.56 -5.27 -25.52
C ASN B 112 29.74 -5.02 -24.57
N PRO B 113 30.98 -5.37 -24.96
CA PRO B 113 32.16 -5.14 -24.11
C PRO B 113 32.26 -3.64 -23.76
N GLY B 114 32.53 -3.35 -22.49
CA GLY B 114 32.57 -1.99 -21.93
C GLY B 114 31.43 -1.76 -20.98
N VAL B 115 30.28 -2.41 -21.19
CA VAL B 115 29.14 -2.32 -20.24
C VAL B 115 29.53 -3.18 -19.05
N LYS B 116 29.30 -2.68 -17.85
CA LYS B 116 29.65 -3.35 -16.56
C LYS B 116 28.43 -4.15 -16.10
N GLU B 117 28.64 -5.31 -15.50
CA GLU B 117 27.58 -6.04 -14.78
C GLU B 117 26.83 -5.07 -13.86
N GLY B 118 25.49 -5.04 -13.94
CA GLY B 118 24.65 -4.26 -13.02
C GLY B 118 24.04 -3.05 -13.66
N TYR B 119 24.45 -2.71 -14.89
CA TYR B 119 23.77 -1.71 -15.74
C TYR B 119 22.26 -2.00 -15.79
N LYS B 120 21.43 -1.02 -15.42
CA LYS B 120 19.96 -1.15 -15.35
C LYS B 120 19.32 -0.63 -16.63
N PHE B 121 18.37 -1.38 -17.17
CA PHE B 121 17.59 -1.04 -18.38
C PHE B 121 16.21 -0.48 -17.95
N TYR B 122 15.95 0.76 -18.31
CA TYR B 122 14.66 1.46 -18.16
C TYR B 122 14.21 1.93 -19.55
N PRO B 123 13.20 1.31 -20.22
CA PRO B 123 12.48 0.12 -19.75
C PRO B 123 13.27 -1.15 -19.99
N PRO B 124 12.80 -2.31 -19.50
CA PRO B 124 13.53 -3.57 -19.68
C PRO B 124 13.85 -3.79 -21.16
N LYS B 125 15.06 -4.26 -21.45
CA LYS B 125 15.56 -4.59 -22.80
C LYS B 125 14.96 -5.92 -23.26
N VAL B 126 14.36 -5.92 -24.45
CA VAL B 126 13.90 -7.15 -25.17
C VAL B 126 14.89 -7.47 -26.29
N GLU B 127 15.30 -8.75 -26.40
CA GLU B 127 16.15 -9.29 -27.52
C GLU B 127 15.59 -10.60 -28.02
N LEU B 128 15.88 -10.90 -29.29
CA LEU B 128 15.41 -12.09 -30.07
C LEU B 128 16.63 -12.96 -30.34
N PHE B 129 16.52 -14.28 -30.13
CA PHE B 129 17.52 -15.28 -30.55
C PHE B 129 16.82 -16.39 -31.32
N PHE B 130 17.31 -16.68 -32.52
CA PHE B 130 16.83 -17.78 -33.39
C PHE B 130 17.31 -19.11 -32.81
N LYS B 131 16.39 -20.08 -32.69
CA LYS B 131 16.65 -21.42 -32.09
C LYS B 131 17.38 -22.30 -33.12
N ASP B 132 18.61 -22.67 -32.78
CA ASP B 132 19.59 -23.40 -33.63
C ASP B 132 20.75 -23.70 -32.67
N ASP B 133 20.91 -24.97 -32.28
CA ASP B 133 21.96 -25.47 -31.33
C ASP B 133 23.29 -25.46 -32.08
N ALA B 134 23.27 -25.84 -33.37
CA ALA B 134 24.43 -25.86 -34.30
C ALA B 134 25.26 -24.56 -34.18
N ASN B 135 24.63 -23.37 -34.10
CA ASN B 135 25.30 -22.03 -34.11
C ASN B 135 25.10 -21.28 -32.78
N ASN B 136 24.78 -22.00 -31.70
CA ASN B 136 24.74 -21.47 -30.30
C ASN B 136 23.68 -20.35 -30.14
N ASP B 137 22.60 -20.37 -30.93
CA ASP B 137 21.38 -19.50 -30.81
C ASP B 137 21.76 -18.05 -31.13
N PRO B 138 21.96 -17.71 -32.41
CA PRO B 138 22.39 -16.36 -32.78
C PRO B 138 21.31 -15.29 -32.60
N GLN B 139 21.73 -14.10 -32.18
CA GLN B 139 20.81 -12.97 -32.01
C GLN B 139 20.25 -12.60 -33.39
N TRP B 140 18.94 -12.36 -33.46
CA TRP B 140 18.26 -11.84 -34.65
C TRP B 140 17.78 -10.44 -34.36
N SER B 141 17.69 -9.63 -35.41
CA SER B 141 16.99 -8.32 -35.38
C SER B 141 15.50 -8.56 -35.64
N GLU B 142 14.64 -7.62 -35.30
CA GLU B 142 13.21 -7.66 -35.73
C GLU B 142 13.17 -7.78 -37.27
N GLU B 143 14.05 -7.09 -37.98
CA GLU B 143 14.07 -7.08 -39.48
C GLU B 143 14.34 -8.49 -40.01
N GLN B 144 15.21 -9.26 -39.36
CA GLN B 144 15.51 -10.65 -39.76
C GLN B 144 14.28 -11.54 -39.57
N LEU B 145 13.55 -11.37 -38.46
CA LEU B 145 12.36 -12.19 -38.15
C LEU B 145 11.26 -11.87 -39.14
N ILE B 146 11.05 -10.60 -39.44
CA ILE B 146 10.02 -10.20 -40.44
C ILE B 146 10.40 -10.82 -41.82
N ALA B 147 11.65 -10.73 -42.21
CA ALA B 147 12.12 -11.18 -43.54
C ALA B 147 12.06 -12.71 -43.64
N ALA B 148 12.02 -13.44 -42.53
CA ALA B 148 11.93 -14.92 -42.53
C ALA B 148 10.59 -15.39 -43.10
N LYS B 149 9.55 -14.55 -43.04
CA LYS B 149 8.21 -14.85 -43.60
C LYS B 149 7.72 -16.21 -43.06
N PHE B 150 7.95 -16.46 -41.78
CA PHE B 150 7.48 -17.66 -41.05
C PHE B 150 5.96 -17.66 -41.07
N CYS B 151 5.43 -18.89 -41.24
CA CYS B 151 3.98 -19.18 -41.19
C CYS B 151 3.77 -20.35 -40.25
N PHE B 152 2.95 -20.17 -39.24
CA PHE B 152 2.67 -21.20 -38.20
C PHE B 152 1.16 -21.30 -37.99
N ALA B 153 0.59 -22.48 -38.22
CA ALA B 153 -0.87 -22.74 -38.12
C ALA B 153 -1.61 -21.70 -38.96
N GLY B 154 -0.98 -21.27 -40.07
CA GLY B 154 -1.61 -20.37 -41.07
C GLY B 154 -1.43 -18.90 -40.80
N LEU B 155 -0.96 -18.51 -39.60
CA LEU B 155 -0.62 -17.09 -39.27
C LEU B 155 0.79 -16.72 -39.78
N LEU B 156 0.87 -15.83 -40.76
CA LEU B 156 2.13 -15.25 -41.29
C LEU B 156 2.69 -14.35 -40.17
N ILE B 157 3.96 -14.52 -39.80
CA ILE B 157 4.57 -13.71 -38.71
C ILE B 157 5.15 -12.43 -39.33
N GLY B 158 4.38 -11.35 -39.27
CA GLY B 158 4.71 -10.04 -39.83
C GLY B 158 5.01 -9.01 -38.76
N GLN B 159 5.19 -7.77 -39.19
CA GLN B 159 5.47 -6.60 -38.33
C GLN B 159 4.51 -6.66 -37.14
N THR B 160 3.19 -6.77 -37.36
CA THR B 160 2.17 -6.75 -36.29
C THR B 160 2.47 -7.82 -35.23
N GLU B 161 2.80 -9.04 -35.68
CA GLU B 161 2.94 -10.23 -34.80
C GLU B 161 4.21 -10.09 -33.97
N VAL B 162 5.27 -9.59 -34.60
CA VAL B 162 6.58 -9.37 -33.97
C VAL B 162 6.44 -8.25 -32.92
N ASP B 163 5.75 -7.18 -33.28
CA ASP B 163 5.53 -6.04 -32.38
C ASP B 163 4.73 -6.55 -31.17
N ILE B 164 3.80 -7.48 -31.37
CA ILE B 164 3.00 -8.05 -30.25
C ILE B 164 3.86 -8.91 -29.34
N MET B 165 4.68 -9.79 -29.88
CA MET B 165 5.54 -10.67 -29.07
C MET B 165 6.54 -9.87 -28.25
N SER B 166 7.02 -8.77 -28.81
CA SER B 166 8.02 -7.88 -28.19
C SER B 166 7.41 -7.15 -27.00
N HIS B 167 6.25 -6.58 -27.17
CA HIS B 167 5.50 -5.88 -26.10
C HIS B 167 5.07 -6.87 -25.02
N ALA B 168 4.65 -8.06 -25.43
CA ALA B 168 4.17 -9.12 -24.51
C ALA B 168 5.35 -9.58 -23.66
N THR B 169 6.54 -9.68 -24.24
CA THR B 169 7.74 -10.15 -23.50
C THR B 169 8.04 -9.18 -22.35
N GLN B 170 8.04 -7.88 -22.61
CA GLN B 170 8.27 -6.82 -21.60
C GLN B 170 7.20 -6.94 -20.49
N ALA B 171 5.92 -7.06 -20.85
CA ALA B 171 4.80 -7.09 -19.87
C ALA B 171 4.90 -8.35 -18.99
N ILE B 172 5.18 -9.49 -19.60
CA ILE B 172 5.35 -10.78 -18.85
C ILE B 172 6.50 -10.61 -17.84
N PHE B 173 7.63 -10.07 -18.28
CA PHE B 173 8.82 -9.88 -17.42
C PHE B 173 8.45 -8.94 -16.24
N GLU B 174 7.80 -7.81 -16.51
CA GLU B 174 7.46 -6.82 -15.46
C GLU B 174 6.49 -7.45 -14.42
N ILE B 175 5.53 -8.25 -14.87
CA ILE B 175 4.58 -8.95 -13.97
C ILE B 175 5.35 -9.94 -13.09
N LEU B 176 6.21 -10.78 -13.66
CA LEU B 176 7.00 -11.76 -12.87
C LEU B 176 7.98 -11.00 -11.94
N GLU B 177 8.58 -9.91 -12.43
CA GLU B 177 9.51 -9.06 -11.64
C GLU B 177 8.76 -8.54 -10.41
N LYS B 178 7.59 -7.93 -10.60
CA LYS B 178 6.79 -7.37 -9.50
C LYS B 178 6.40 -8.50 -8.52
N SER B 179 6.14 -9.69 -9.02
CA SER B 179 5.57 -10.81 -8.24
C SER B 179 6.63 -11.42 -7.31
N TRP B 180 7.91 -11.34 -7.70
CA TRP B 180 9.05 -11.88 -6.91
C TRP B 180 9.51 -10.90 -5.83
N LEU B 181 9.19 -9.61 -5.99
CA LEU B 181 9.70 -8.50 -5.14
C LEU B 181 9.35 -8.77 -3.69
N PRO B 182 8.08 -9.08 -3.32
CA PRO B 182 7.72 -9.32 -1.93
C PRO B 182 8.49 -10.45 -1.25
N GLN B 183 9.14 -11.34 -2.01
CA GLN B 183 9.99 -12.43 -1.48
C GLN B 183 11.44 -11.96 -1.35
N ASN B 184 11.70 -10.66 -1.55
CA ASN B 184 13.05 -10.03 -1.61
C ASN B 184 13.94 -10.79 -2.59
N CYS B 185 13.40 -11.14 -3.77
CA CYS B 185 14.17 -11.69 -4.92
C CYS B 185 14.12 -10.72 -6.11
N THR B 186 15.28 -10.47 -6.70
CA THR B 186 15.44 -9.65 -7.92
C THR B 186 15.36 -10.59 -9.12
N LEU B 187 14.32 -10.42 -9.94
CA LEU B 187 14.28 -11.06 -11.28
C LEU B 187 15.19 -10.24 -12.21
N VAL B 188 16.31 -10.82 -12.61
CA VAL B 188 17.39 -10.15 -13.37
C VAL B 188 17.01 -10.10 -14.86
N ASP B 189 16.66 -11.26 -15.40
CA ASP B 189 16.31 -11.44 -16.82
C ASP B 189 15.55 -12.77 -16.96
N MET B 190 15.11 -13.10 -18.17
CA MET B 190 14.35 -14.33 -18.43
C MET B 190 14.25 -14.59 -19.92
N LYS B 191 13.94 -15.83 -20.26
CA LYS B 191 13.70 -16.27 -21.65
C LYS B 191 12.30 -16.89 -21.70
N ILE B 192 11.51 -16.59 -22.73
CA ILE B 192 10.18 -17.20 -23.01
C ILE B 192 10.11 -17.52 -24.49
N GLU B 193 9.15 -18.34 -24.87
CA GLU B 193 8.85 -18.69 -26.27
C GLU B 193 7.34 -18.55 -26.47
N PHE B 194 6.93 -18.17 -27.67
CA PHE B 194 5.51 -18.07 -28.08
C PHE B 194 5.21 -19.13 -29.14
N GLY B 195 3.94 -19.51 -29.20
CA GLY B 195 3.42 -20.33 -30.30
C GLY B 195 2.07 -19.84 -30.72
N VAL B 196 1.59 -20.43 -31.82
CA VAL B 196 0.24 -20.15 -32.37
C VAL B 196 -0.63 -21.33 -31.94
N ASP B 197 -1.69 -21.03 -31.18
CA ASP B 197 -2.69 -22.02 -30.75
C ASP B 197 -3.33 -22.54 -32.03
N VAL B 198 -3.27 -23.85 -32.26
CA VAL B 198 -3.75 -24.47 -33.53
C VAL B 198 -5.29 -24.32 -33.65
N THR B 199 -6.02 -24.12 -32.55
CA THR B 199 -7.50 -23.93 -32.58
C THR B 199 -7.85 -22.44 -32.77
N THR B 200 -7.38 -21.55 -31.90
CA THR B 200 -7.81 -20.12 -31.86
C THR B 200 -6.98 -19.29 -32.85
N LYS B 201 -5.76 -19.71 -33.20
CA LYS B 201 -4.87 -18.96 -34.14
C LYS B 201 -4.30 -17.71 -33.46
N GLU B 202 -4.45 -17.60 -32.15
CA GLU B 202 -3.89 -16.47 -31.37
C GLU B 202 -2.43 -16.81 -31.00
N ILE B 203 -1.57 -15.80 -31.06
CA ILE B 203 -0.19 -15.92 -30.51
C ILE B 203 -0.31 -15.91 -28.98
N VAL B 204 0.26 -16.93 -28.34
CA VAL B 204 0.21 -17.13 -26.86
C VAL B 204 1.60 -17.55 -26.38
N LEU B 205 1.93 -17.14 -25.17
CA LEU B 205 3.06 -17.64 -24.36
C LEU B 205 2.83 -19.14 -24.24
N ALA B 206 3.89 -19.91 -24.40
CA ALA B 206 3.83 -21.38 -24.47
C ALA B 206 5.14 -21.92 -23.94
N ASP B 207 5.51 -23.14 -24.33
CA ASP B 207 6.63 -23.89 -23.69
C ASP B 207 6.39 -23.87 -22.19
N VAL B 208 7.44 -23.54 -21.42
CA VAL B 208 7.40 -23.43 -19.94
C VAL B 208 8.05 -22.10 -19.52
N ILE B 209 7.80 -21.69 -18.29
CA ILE B 209 8.67 -20.76 -17.54
C ILE B 209 9.06 -21.51 -16.26
N ASP B 210 10.33 -21.91 -16.14
CA ASP B 210 10.78 -22.65 -14.94
C ASP B 210 12.12 -22.08 -14.46
N ASN B 211 12.81 -22.80 -13.60
CA ASN B 211 14.05 -22.32 -12.95
C ASN B 211 15.19 -22.24 -13.99
N ASP B 212 15.03 -22.77 -15.19
CA ASP B 212 16.01 -22.68 -16.32
C ASP B 212 15.77 -21.38 -17.12
N SER B 213 14.58 -20.82 -17.01
CA SER B 213 14.06 -19.71 -17.83
C SER B 213 14.55 -18.34 -17.35
N TRP B 214 15.03 -18.18 -16.13
CA TRP B 214 15.28 -16.83 -15.57
C TRP B 214 16.57 -16.81 -14.75
N ARG B 215 16.94 -15.63 -14.26
CA ARG B 215 17.98 -15.47 -13.22
C ARG B 215 17.31 -14.77 -12.01
N LEU B 216 17.44 -15.38 -10.83
CA LEU B 216 16.77 -15.00 -9.55
C LEU B 216 17.85 -14.75 -8.52
N TRP B 217 17.98 -13.50 -8.05
CA TRP B 217 19.01 -13.14 -7.05
C TRP B 217 18.31 -12.71 -5.77
N PRO B 218 18.30 -13.54 -4.70
CA PRO B 218 17.83 -13.09 -3.38
C PRO B 218 18.63 -11.85 -2.93
N SER B 219 17.93 -10.81 -2.47
CA SER B 219 18.49 -9.50 -2.00
C SER B 219 19.37 -8.83 -3.08
N GLY B 220 19.09 -9.09 -4.36
CA GLY B 220 19.90 -8.58 -5.49
C GLY B 220 21.33 -9.13 -5.53
N ASP B 221 21.64 -10.23 -4.79
CA ASP B 221 23.02 -10.77 -4.60
C ASP B 221 23.29 -11.98 -5.51
N ARG B 222 24.05 -11.75 -6.59
CA ARG B 222 24.39 -12.76 -7.63
C ARG B 222 24.95 -14.04 -7.01
N SER B 223 25.70 -13.91 -5.90
CA SER B 223 26.38 -15.06 -5.23
C SER B 223 25.32 -15.96 -4.56
N GLN B 224 24.11 -15.45 -4.28
CA GLN B 224 22.95 -16.22 -3.76
C GLN B 224 22.02 -16.71 -4.90
N GLN B 225 22.45 -16.64 -6.18
CA GLN B 225 21.67 -17.09 -7.36
C GLN B 225 21.02 -18.46 -7.10
N LYS B 226 19.71 -18.56 -7.33
CA LYS B 226 18.88 -19.77 -7.03
C LYS B 226 18.47 -20.48 -8.33
N ASP B 227 18.75 -19.87 -9.48
CA ASP B 227 18.33 -20.37 -10.82
C ASP B 227 19.36 -21.37 -11.35
N LYS B 228 19.18 -21.81 -12.61
CA LYS B 228 20.02 -22.87 -13.22
C LYS B 228 21.44 -22.36 -13.52
N GLN B 229 21.69 -21.06 -13.44
CA GLN B 229 23.05 -20.49 -13.61
C GLN B 229 24.00 -21.15 -12.59
N SER B 230 23.49 -21.59 -11.43
CA SER B 230 24.30 -22.27 -10.39
C SER B 230 24.90 -23.58 -10.95
N TYR B 231 24.18 -24.26 -11.84
CA TYR B 231 24.61 -25.50 -12.52
C TYR B 231 25.49 -25.16 -13.74
N ARG B 232 25.12 -24.15 -14.54
CA ARG B 232 25.96 -23.72 -15.70
C ARG B 232 27.37 -23.32 -15.22
N ASP B 233 27.52 -22.72 -14.03
CA ASP B 233 28.78 -22.07 -13.56
C ASP B 233 29.79 -23.12 -13.06
N LEU B 234 29.32 -24.31 -12.61
CA LEU B 234 30.17 -25.39 -12.01
C LEU B 234 31.32 -25.71 -12.96
N LYS B 235 32.57 -25.68 -12.45
CA LYS B 235 33.78 -25.94 -13.27
C LYS B 235 33.64 -27.37 -13.83
N GLU B 236 33.37 -28.29 -12.91
CA GLU B 236 33.15 -29.72 -13.18
C GLU B 236 31.97 -30.15 -12.32
N VAL B 237 31.10 -31.01 -12.86
CA VAL B 237 29.87 -31.51 -12.18
C VAL B 237 30.26 -32.70 -11.28
N THR B 238 30.19 -32.51 -9.97
CA THR B 238 30.41 -33.55 -8.94
C THR B 238 29.06 -33.93 -8.33
N PRO B 239 28.95 -35.10 -7.69
CA PRO B 239 27.76 -35.45 -6.90
C PRO B 239 27.40 -34.41 -5.81
N GLU B 240 28.40 -33.82 -5.14
CA GLU B 240 28.19 -32.76 -4.13
C GLU B 240 27.65 -31.48 -4.81
N GLY B 241 28.14 -31.22 -6.04
CA GLY B 241 27.73 -30.07 -6.87
C GLY B 241 26.26 -30.14 -7.27
N LEU B 242 25.77 -31.32 -7.61
CA LEU B 242 24.37 -31.55 -8.04
C LEU B 242 23.39 -31.37 -6.87
N GLN B 243 23.78 -31.69 -5.63
CA GLN B 243 22.92 -31.56 -4.42
C GLN B 243 22.71 -30.06 -4.11
N MET B 244 23.74 -29.23 -4.30
CA MET B 244 23.66 -27.75 -4.15
C MET B 244 22.67 -27.20 -5.19
N VAL B 245 22.81 -27.58 -6.46
CA VAL B 245 21.86 -27.20 -7.55
C VAL B 245 20.44 -27.63 -7.13
N LYS B 246 20.28 -28.86 -6.66
CA LYS B 246 18.94 -29.38 -6.29
C LYS B 246 18.32 -28.51 -5.18
N LYS B 247 19.10 -28.12 -4.17
CA LYS B 247 18.63 -27.27 -3.04
C LYS B 247 18.18 -25.89 -3.54
N ASN B 248 18.90 -25.31 -4.48
CA ASN B 248 18.53 -24.04 -5.16
C ASN B 248 17.17 -24.22 -5.85
N PHE B 249 16.97 -25.29 -6.62
CA PHE B 249 15.69 -25.61 -7.29
C PHE B 249 14.58 -25.80 -6.26
N GLU B 250 14.88 -26.44 -5.12
CA GLU B 250 13.89 -26.70 -4.04
C GLU B 250 13.51 -25.39 -3.35
N TRP B 251 14.49 -24.51 -3.17
CA TRP B 251 14.27 -23.17 -2.60
C TRP B 251 13.22 -22.43 -3.45
N VAL B 252 13.36 -22.51 -4.78
CA VAL B 252 12.45 -21.80 -5.71
C VAL B 252 11.10 -22.52 -5.70
N ALA B 253 11.10 -23.85 -5.78
CA ALA B 253 9.87 -24.68 -5.74
C ALA B 253 9.02 -24.31 -4.53
N GLU B 254 9.63 -24.11 -3.37
CA GLU B 254 8.87 -23.80 -2.13
C GLU B 254 8.20 -22.42 -2.29
N ARG B 255 8.94 -21.43 -2.75
CA ARG B 255 8.50 -20.01 -2.69
C ARG B 255 7.62 -19.61 -3.86
N VAL B 256 7.61 -20.35 -4.97
CA VAL B 256 6.90 -19.94 -6.20
C VAL B 256 5.40 -19.88 -5.92
N GLU B 257 4.87 -20.70 -5.02
CA GLU B 257 3.42 -20.77 -4.68
C GLU B 257 3.00 -19.48 -3.96
N LEU B 258 3.91 -18.82 -3.27
CA LEU B 258 3.58 -17.56 -2.56
C LEU B 258 3.30 -16.42 -3.56
N LEU B 259 3.72 -16.55 -4.83
CA LEU B 259 3.45 -15.53 -5.87
C LEU B 259 1.95 -15.47 -6.17
N LEU B 260 1.20 -16.48 -5.79
CA LEU B 260 -0.25 -16.51 -6.06
C LEU B 260 -1.01 -15.91 -4.89
N LYS B 261 -0.32 -15.55 -3.82
CA LYS B 261 -0.99 -15.08 -2.59
C LYS B 261 -0.92 -13.56 -2.49
N SER B 262 -2.05 -12.95 -2.15
CA SER B 262 -2.16 -11.49 -1.92
C SER B 262 -1.57 -11.16 -0.56
N GLU B 263 -0.60 -10.29 -0.55
CA GLU B 263 0.13 -9.86 0.66
C GLU B 263 -0.73 -8.85 1.45
N SER B 264 -1.60 -8.09 0.77
CA SER B 264 -2.38 -6.96 1.34
C SER B 264 -3.85 -7.03 0.93
N GLN B 265 -4.75 -6.66 1.83
CA GLN B 265 -6.21 -6.64 1.57
C GLN B 265 -6.62 -5.29 0.97
N CYS B 266 -7.66 -5.35 0.15
CA CYS B 266 -8.21 -4.26 -0.65
C CYS B 266 -9.71 -4.28 -0.47
N ARG B 267 -10.31 -3.11 -0.43
CA ARG B 267 -11.76 -2.94 -0.43
C ARG B 267 -12.14 -1.59 -1.01
N VAL B 268 -13.17 -1.57 -1.86
CA VAL B 268 -13.86 -0.34 -2.30
C VAL B 268 -15.22 -0.31 -1.60
N VAL B 269 -15.57 0.85 -1.02
CA VAL B 269 -16.91 1.15 -0.50
C VAL B 269 -17.52 2.25 -1.35
N VAL B 270 -18.61 1.93 -2.03
CA VAL B 270 -19.35 2.90 -2.89
C VAL B 270 -20.51 3.44 -2.09
N LEU B 271 -20.49 4.71 -1.75
CA LEU B 271 -21.55 5.36 -0.99
C LEU B 271 -22.41 6.13 -1.98
N MET B 272 -23.72 5.85 -2.01
CA MET B 272 -24.71 6.51 -2.89
C MET B 272 -25.74 7.27 -2.06
N GLY B 273 -25.97 8.52 -2.44
CA GLY B 273 -26.96 9.43 -1.81
C GLY B 273 -28.41 9.01 -2.09
N SER B 274 -28.67 8.16 -3.08
CA SER B 274 -30.03 7.75 -3.53
C SER B 274 -29.97 6.39 -4.23
N THR B 275 -30.96 5.54 -4.00
CA THR B 275 -31.05 4.20 -4.62
C THR B 275 -31.45 4.32 -6.11
N SER B 276 -31.80 5.52 -6.59
CA SER B 276 -32.01 5.76 -8.05
C SER B 276 -30.67 5.74 -8.82
N ASP B 277 -29.53 5.89 -8.12
CA ASP B 277 -28.16 5.90 -8.72
C ASP B 277 -27.57 4.48 -8.57
N LEU B 278 -28.39 3.50 -8.23
CA LEU B 278 -27.97 2.08 -8.07
C LEU B 278 -27.31 1.54 -9.36
N GLY B 279 -27.94 1.74 -10.51
CA GLY B 279 -27.38 1.31 -11.81
C GLY B 279 -25.93 1.76 -11.95
N HIS B 280 -25.65 3.02 -11.65
CA HIS B 280 -24.30 3.62 -11.81
C HIS B 280 -23.35 2.89 -10.84
N CYS B 281 -23.78 2.61 -9.62
CA CYS B 281 -22.95 1.93 -8.59
C CYS B 281 -22.73 0.45 -8.95
N GLU B 282 -23.70 -0.21 -9.57
CA GLU B 282 -23.54 -1.61 -10.07
C GLU B 282 -22.34 -1.69 -11.05
N LYS B 283 -22.16 -0.69 -11.91
CA LYS B 283 -21.06 -0.61 -12.90
C LYS B 283 -19.70 -0.49 -12.21
N ILE B 284 -19.62 0.30 -11.14
CA ILE B 284 -18.40 0.42 -10.31
C ILE B 284 -18.08 -0.96 -9.69
N LYS B 285 -19.08 -1.60 -9.11
CA LYS B 285 -18.90 -2.89 -8.41
C LYS B 285 -18.47 -3.97 -9.41
N LYS B 286 -19.10 -4.02 -10.58
CA LYS B 286 -18.77 -5.02 -11.60
C LYS B 286 -17.30 -4.85 -11.99
N ALA B 287 -16.91 -3.61 -12.30
CA ALA B 287 -15.55 -3.25 -12.74
C ALA B 287 -14.52 -3.55 -11.65
N CYS B 288 -14.86 -3.38 -10.38
CA CYS B 288 -13.99 -3.74 -9.22
C CYS B 288 -13.77 -5.25 -9.20
N GLY B 289 -14.82 -6.04 -9.45
CA GLY B 289 -14.75 -7.51 -9.55
C GLY B 289 -13.72 -7.96 -10.58
N ASN B 290 -13.57 -7.23 -11.69
CA ASN B 290 -12.59 -7.54 -12.76
C ASN B 290 -11.15 -7.46 -12.26
N PHE B 291 -10.87 -6.64 -11.24
CA PHE B 291 -9.52 -6.46 -10.61
C PHE B 291 -9.33 -7.36 -9.38
N GLY B 292 -10.36 -8.15 -9.00
CA GLY B 292 -10.41 -9.04 -7.84
C GLY B 292 -10.46 -8.26 -6.53
N ILE B 293 -11.06 -7.08 -6.53
CA ILE B 293 -11.21 -6.17 -5.35
C ILE B 293 -12.66 -6.26 -4.87
N PRO B 294 -12.89 -6.74 -3.64
CA PRO B 294 -14.22 -6.74 -3.06
C PRO B 294 -14.76 -5.28 -3.01
N CYS B 295 -16.06 -5.12 -3.23
CA CYS B 295 -16.74 -3.83 -3.37
C CYS B 295 -18.12 -3.92 -2.71
N GLU B 296 -18.35 -3.06 -1.72
CA GLU B 296 -19.62 -2.97 -0.96
C GLU B 296 -20.37 -1.71 -1.38
N LEU B 297 -21.69 -1.83 -1.57
CA LEU B 297 -22.63 -0.70 -1.79
C LEU B 297 -23.30 -0.32 -0.46
N ARG B 298 -23.43 0.99 -0.21
CA ARG B 298 -24.03 1.54 1.01
C ARG B 298 -24.84 2.77 0.60
N VAL B 299 -25.94 3.01 1.28
CA VAL B 299 -26.86 4.12 0.96
C VAL B 299 -26.73 5.09 2.14
N THR B 300 -26.37 6.35 1.89
CA THR B 300 -26.29 7.40 2.92
C THR B 300 -26.32 8.76 2.25
N SER B 301 -26.98 9.75 2.85
CA SER B 301 -27.01 11.14 2.32
C SER B 301 -26.28 12.07 3.27
N ALA B 302 -25.34 12.86 2.76
CA ALA B 302 -24.64 13.87 3.58
C ALA B 302 -25.64 14.94 3.98
N HIS B 303 -26.60 15.23 3.10
CA HIS B 303 -27.57 16.35 3.29
C HIS B 303 -28.58 15.98 4.36
N LYS B 304 -29.09 14.75 4.33
CA LYS B 304 -30.30 14.35 5.08
C LYS B 304 -29.93 13.44 6.26
N GLY B 305 -28.72 12.86 6.27
CA GLY B 305 -28.27 11.93 7.31
C GLY B 305 -26.77 11.97 7.54
N PRO B 306 -26.19 13.17 7.78
CA PRO B 306 -24.73 13.31 7.92
C PRO B 306 -24.17 12.52 9.11
N ASP B 307 -24.92 12.47 10.20
CA ASP B 307 -24.61 11.65 11.43
C ASP B 307 -24.40 10.17 11.00
N GLU B 308 -25.26 9.65 10.13
CA GLU B 308 -25.23 8.25 9.64
C GLU B 308 -24.06 8.06 8.66
N THR B 309 -23.77 9.05 7.81
CA THR B 309 -22.62 9.02 6.88
C THR B 309 -21.34 8.79 7.68
N LEU B 310 -21.13 9.57 8.73
CA LEU B 310 -19.92 9.47 9.61
C LEU B 310 -19.85 8.11 10.31
N ARG B 311 -20.97 7.57 10.80
CA ARG B 311 -21.02 6.24 11.48
C ARG B 311 -20.65 5.15 10.47
N ILE B 312 -21.13 5.23 9.21
CA ILE B 312 -20.83 4.22 8.17
C ILE B 312 -19.33 4.29 7.83
N LYS B 313 -18.83 5.50 7.66
CA LYS B 313 -17.39 5.78 7.45
C LYS B 313 -16.61 5.05 8.54
N ALA B 314 -17.01 5.24 9.81
CA ALA B 314 -16.32 4.67 11.00
C ALA B 314 -16.25 3.14 10.95
N GLU B 315 -17.29 2.47 10.44
CA GLU B 315 -17.33 0.99 10.36
C GLU B 315 -16.17 0.51 9.46
N TYR B 316 -15.86 1.25 8.40
CA TYR B 316 -14.87 0.82 7.38
C TYR B 316 -13.46 1.33 7.74
N GLU B 317 -13.39 2.46 8.42
CA GLU B 317 -12.13 2.98 9.00
C GLU B 317 -11.60 2.05 10.11
N GLY B 318 -12.50 1.33 10.80
CA GLY B 318 -12.23 0.78 12.13
C GLY B 318 -11.83 -0.68 12.16
N ASP B 319 -11.85 -1.42 11.03
CA ASP B 319 -11.70 -2.91 11.05
C ASP B 319 -10.36 -3.35 10.46
N GLY B 320 -9.46 -2.42 10.19
CA GLY B 320 -8.08 -2.73 9.79
C GLY B 320 -7.91 -3.04 8.31
N ILE B 321 -8.94 -2.88 7.49
CA ILE B 321 -8.85 -3.23 6.02
C ILE B 321 -8.68 -1.95 5.19
N PRO B 322 -7.55 -1.80 4.45
CA PRO B 322 -7.32 -0.67 3.57
C PRO B 322 -8.48 -0.46 2.58
N THR B 323 -9.06 0.73 2.59
CA THR B 323 -10.35 1.06 1.92
C THR B 323 -10.20 2.33 1.06
N VAL B 324 -10.77 2.29 -0.14
CA VAL B 324 -11.03 3.48 -0.98
C VAL B 324 -12.55 3.67 -1.03
N PHE B 325 -13.02 4.87 -0.67
CA PHE B 325 -14.42 5.31 -0.71
C PHE B 325 -14.67 5.94 -2.08
N VAL B 326 -15.79 5.60 -2.70
CA VAL B 326 -16.25 6.21 -3.97
C VAL B 326 -17.62 6.83 -3.71
N ALA B 327 -17.71 8.17 -3.80
CA ALA B 327 -18.94 8.94 -3.48
C ALA B 327 -19.72 9.17 -4.78
N VAL B 328 -20.95 8.65 -4.80
CA VAL B 328 -21.90 8.80 -5.92
C VAL B 328 -23.09 9.63 -5.44
N ALA B 329 -23.07 10.93 -5.75
CA ALA B 329 -24.14 11.90 -5.41
C ALA B 329 -24.46 12.73 -6.64
N GLY B 330 -25.70 12.66 -7.10
CA GLY B 330 -26.21 13.51 -8.19
C GLY B 330 -26.42 14.95 -7.71
N ARG B 331 -26.52 15.89 -8.66
CA ARG B 331 -26.74 17.33 -8.36
C ARG B 331 -25.62 17.78 -7.43
N SER B 332 -25.91 18.58 -6.41
CA SER B 332 -24.91 19.20 -5.51
C SER B 332 -24.30 18.11 -4.63
N ASN B 333 -23.10 17.67 -5.00
CA ASN B 333 -22.36 16.54 -4.37
C ASN B 333 -21.77 17.08 -3.07
N GLY B 334 -22.40 16.78 -1.93
CA GLY B 334 -21.87 17.06 -0.57
C GLY B 334 -21.25 15.83 0.07
N LEU B 335 -21.54 14.65 -0.45
CA LEU B 335 -21.13 13.35 0.11
C LEU B 335 -19.63 13.14 -0.09
N GLY B 336 -19.09 13.48 -1.26
CA GLY B 336 -17.63 13.40 -1.51
C GLY B 336 -16.87 14.33 -0.56
N PRO B 337 -17.15 15.64 -0.64
CA PRO B 337 -16.59 16.62 0.30
C PRO B 337 -16.65 16.23 1.79
N VAL B 338 -17.83 15.98 2.35
CA VAL B 338 -18.00 15.60 3.77
C VAL B 338 -17.09 14.40 4.08
N MET B 339 -17.13 13.35 3.27
CA MET B 339 -16.37 12.12 3.51
C MET B 339 -14.88 12.51 3.49
N SER B 340 -14.49 13.26 2.48
CA SER B 340 -13.09 13.65 2.22
C SER B 340 -12.56 14.40 3.45
N GLY B 341 -13.41 15.22 4.09
CA GLY B 341 -13.00 16.09 5.20
C GLY B 341 -12.86 15.31 6.50
N ASN B 342 -13.39 14.09 6.56
CA ASN B 342 -13.51 13.34 7.84
C ASN B 342 -12.82 11.96 7.79
N THR B 343 -12.06 11.64 6.72
CA THR B 343 -11.27 10.38 6.65
C THR B 343 -9.87 10.67 6.12
N ALA B 344 -8.91 9.89 6.59
CA ALA B 344 -7.52 9.86 6.08
C ALA B 344 -7.42 8.93 4.88
N TYR B 345 -8.44 8.12 4.60
CA TYR B 345 -8.45 7.23 3.41
C TYR B 345 -8.79 8.06 2.18
N PRO B 346 -8.43 7.62 0.96
CA PRO B 346 -8.80 8.32 -0.25
C PRO B 346 -10.31 8.32 -0.49
N VAL B 347 -10.84 9.43 -1.01
CA VAL B 347 -12.25 9.53 -1.52
C VAL B 347 -12.21 9.96 -2.98
N ILE B 348 -12.99 9.28 -3.82
CA ILE B 348 -13.20 9.57 -5.25
C ILE B 348 -14.67 9.94 -5.40
N SER B 349 -14.95 11.11 -5.96
CA SER B 349 -16.32 11.47 -6.40
C SER B 349 -16.46 10.91 -7.81
N CYS B 350 -17.42 10.02 -8.02
CA CYS B 350 -17.83 9.54 -9.36
C CYS B 350 -19.31 9.89 -9.54
N PRO B 351 -19.62 11.16 -9.86
CA PRO B 351 -21.02 11.61 -9.92
C PRO B 351 -21.74 11.06 -11.15
N PRO B 352 -23.02 10.67 -11.05
CA PRO B 352 -23.79 10.19 -12.20
C PRO B 352 -24.31 11.33 -13.08
N LEU B 353 -23.40 11.99 -13.78
CA LEU B 353 -23.67 13.12 -14.71
C LEU B 353 -24.41 12.59 -15.94
N THR B 354 -25.42 13.34 -16.39
CA THR B 354 -26.08 13.20 -17.71
C THR B 354 -25.84 14.50 -18.47
N PRO B 355 -26.05 14.55 -19.81
CA PRO B 355 -25.84 15.79 -20.57
C PRO B 355 -26.80 16.96 -20.24
N ASP B 356 -27.89 16.67 -19.53
CA ASP B 356 -28.91 17.68 -19.16
C ASP B 356 -28.32 18.77 -18.24
N TRP B 357 -27.75 18.38 -17.09
CA TRP B 357 -27.24 19.32 -16.07
C TRP B 357 -25.79 18.95 -15.62
N GLY B 358 -25.12 18.01 -16.31
CA GLY B 358 -23.79 17.50 -15.93
C GLY B 358 -22.70 18.56 -15.95
N VAL B 359 -22.72 19.44 -16.94
CA VAL B 359 -21.83 20.63 -17.05
C VAL B 359 -21.94 21.49 -15.77
N GLN B 360 -23.12 21.59 -15.17
CA GLN B 360 -23.37 22.46 -13.98
C GLN B 360 -23.01 21.70 -12.69
N ASP B 361 -23.40 20.43 -12.60
CA ASP B 361 -23.29 19.58 -11.37
C ASP B 361 -21.83 19.24 -11.04
N VAL B 362 -20.98 19.04 -12.05
CA VAL B 362 -19.57 18.55 -11.90
C VAL B 362 -18.76 19.48 -10.98
N TRP B 363 -19.05 20.78 -11.00
CA TRP B 363 -18.25 21.78 -10.26
C TRP B 363 -18.38 21.57 -8.74
N SER B 364 -19.46 20.98 -8.27
CA SER B 364 -19.64 20.68 -6.82
C SER B 364 -18.69 19.58 -6.36
N SER B 365 -18.16 18.75 -7.28
CA SER B 365 -17.09 17.74 -7.02
C SER B 365 -15.67 18.36 -7.13
N LEU B 366 -15.50 19.37 -8.00
CA LEU B 366 -14.19 19.89 -8.46
C LEU B 366 -13.67 21.06 -7.60
N ARG B 367 -14.51 22.01 -7.22
CA ARG B 367 -14.06 23.23 -6.50
C ARG B 367 -14.42 23.08 -5.03
N LEU B 368 -13.43 22.74 -4.23
CA LEU B 368 -13.56 22.35 -2.81
C LEU B 368 -12.75 23.33 -1.95
N PRO B 369 -13.21 23.60 -0.70
CA PRO B 369 -12.42 24.42 0.24
C PRO B 369 -11.06 23.77 0.49
N SER B 370 -10.09 24.55 0.99
CA SER B 370 -8.71 24.08 1.24
C SER B 370 -8.78 22.97 2.30
N GLY B 371 -7.79 22.06 2.30
CA GLY B 371 -7.71 20.98 3.30
C GLY B 371 -8.49 19.72 2.89
N LEU B 372 -8.94 19.64 1.62
CA LEU B 372 -9.68 18.48 1.04
C LEU B 372 -8.90 17.91 -0.16
N GLY B 373 -8.61 16.61 -0.10
CA GLY B 373 -7.88 15.89 -1.15
C GLY B 373 -8.81 15.17 -2.10
N CYS B 374 -10.13 15.24 -1.88
CA CYS B 374 -11.15 14.55 -2.70
C CYS B 374 -10.78 14.69 -4.20
N SER B 375 -10.65 13.57 -4.90
CA SER B 375 -10.40 13.48 -6.37
C SER B 375 -11.71 13.26 -7.14
N THR B 376 -11.70 13.54 -8.46
CA THR B 376 -12.86 13.32 -9.36
C THR B 376 -12.50 12.36 -10.50
N VAL B 377 -13.37 11.40 -10.75
CA VAL B 377 -13.31 10.50 -11.94
C VAL B 377 -14.74 10.35 -12.46
N LEU B 378 -15.00 10.80 -13.68
CA LEU B 378 -16.36 10.80 -14.28
C LEU B 378 -16.78 9.38 -14.70
N SER B 379 -15.88 8.56 -15.24
CA SER B 379 -16.23 7.19 -15.70
C SER B 379 -16.42 6.30 -14.48
N PRO B 380 -17.53 5.53 -14.38
CA PRO B 380 -17.67 4.53 -13.33
C PRO B 380 -16.66 3.37 -13.45
N GLU B 381 -16.43 2.81 -14.64
CA GLU B 381 -15.34 1.81 -14.87
C GLU B 381 -13.99 2.46 -14.53
N GLY B 382 -13.81 3.72 -14.91
CA GLY B 382 -12.60 4.50 -14.59
C GLY B 382 -12.34 4.63 -13.10
N SER B 383 -13.39 4.79 -12.28
CA SER B 383 -13.22 5.03 -10.83
C SER B 383 -12.74 3.72 -10.20
N ALA B 384 -13.19 2.62 -10.75
CA ALA B 384 -12.76 1.26 -10.28
C ALA B 384 -11.29 1.09 -10.64
N GLN B 385 -10.93 1.42 -11.86
CA GLN B 385 -9.54 1.29 -12.37
C GLN B 385 -8.60 2.18 -11.52
N PHE B 386 -9.07 3.37 -11.15
CA PHE B 386 -8.23 4.28 -10.34
C PHE B 386 -8.06 3.64 -8.97
N ALA B 387 -9.14 3.12 -8.40
CA ALA B 387 -9.12 2.40 -7.09
C ALA B 387 -8.13 1.25 -7.20
N ALA B 388 -8.13 0.52 -8.32
CA ALA B 388 -7.21 -0.61 -8.55
C ALA B 388 -5.75 -0.13 -8.57
N GLN B 389 -5.51 0.96 -9.27
CA GLN B 389 -4.16 1.57 -9.39
C GLN B 389 -3.65 1.92 -7.99
N ILE B 390 -4.51 2.48 -7.13
CA ILE B 390 -4.14 2.79 -5.71
C ILE B 390 -3.74 1.50 -5.01
N PHE B 391 -4.53 0.42 -5.15
CA PHE B 391 -4.23 -0.84 -4.44
C PHE B 391 -3.04 -1.53 -5.07
N GLY B 392 -2.80 -1.26 -6.34
CA GLY B 392 -1.70 -1.86 -7.11
C GLY B 392 -0.36 -1.46 -6.54
N LEU B 393 -0.29 -0.35 -5.80
CA LEU B 393 0.97 0.07 -5.14
C LEU B 393 1.41 -0.98 -4.09
N SER B 394 0.47 -1.73 -3.51
CA SER B 394 0.69 -2.69 -2.38
C SER B 394 0.40 -4.12 -2.80
N ASN B 395 -0.42 -4.33 -3.84
CA ASN B 395 -0.92 -5.67 -4.20
C ASN B 395 -0.45 -6.01 -5.61
N HIS B 396 0.45 -6.96 -5.71
CA HIS B 396 1.11 -7.38 -6.96
C HIS B 396 0.07 -8.04 -7.89
N LEU B 397 -0.96 -8.67 -7.34
CA LEU B 397 -2.03 -9.32 -8.15
C LEU B 397 -2.86 -8.25 -8.84
N VAL B 398 -3.26 -7.21 -8.11
CA VAL B 398 -4.04 -6.09 -8.71
C VAL B 398 -3.14 -5.41 -9.76
N TRP B 399 -1.91 -5.08 -9.37
CA TRP B 399 -0.93 -4.43 -10.27
C TRP B 399 -0.89 -5.21 -11.59
N SER B 400 -0.74 -6.52 -11.51
CA SER B 400 -0.49 -7.41 -12.67
C SER B 400 -1.70 -7.39 -13.59
N LYS B 401 -2.92 -7.33 -13.05
CA LYS B 401 -4.13 -7.25 -13.91
C LYS B 401 -4.10 -5.92 -14.64
N LEU B 402 -3.64 -4.84 -13.99
CA LEU B 402 -3.62 -3.51 -14.62
C LEU B 402 -2.61 -3.54 -15.75
N ARG B 403 -1.42 -4.10 -15.49
CA ARG B 403 -0.30 -4.20 -16.44
C ARG B 403 -0.71 -5.04 -17.66
N ALA B 404 -1.36 -6.17 -17.46
CA ALA B 404 -1.76 -7.07 -18.55
C ALA B 404 -2.87 -6.39 -19.34
N SER B 405 -3.71 -5.61 -18.68
CA SER B 405 -4.80 -4.85 -19.34
C SER B 405 -4.21 -3.77 -20.29
N ILE B 406 -3.13 -3.11 -19.90
CA ILE B 406 -2.41 -2.17 -20.79
C ILE B 406 -1.95 -2.94 -22.03
N LEU B 407 -1.38 -4.13 -21.86
CA LEU B 407 -0.94 -4.94 -23.02
C LEU B 407 -2.14 -5.28 -23.91
N ASN B 408 -3.20 -5.88 -23.34
CA ASN B 408 -4.32 -6.44 -24.09
C ASN B 408 -4.99 -5.32 -24.88
N THR B 409 -5.19 -4.15 -24.27
CA THR B 409 -5.78 -2.98 -24.95
C THR B 409 -4.93 -2.56 -26.15
N TRP B 410 -3.62 -2.54 -25.98
CA TRP B 410 -2.66 -2.18 -27.02
C TRP B 410 -2.75 -3.22 -28.13
N ILE B 411 -2.77 -4.49 -27.78
CA ILE B 411 -2.88 -5.58 -28.77
C ILE B 411 -4.16 -5.39 -29.58
N SER B 412 -5.29 -5.10 -28.94
CA SER B 412 -6.57 -5.03 -29.68
C SER B 412 -6.56 -3.79 -30.63
N LEU B 413 -5.88 -2.67 -30.33
CA LEU B 413 -5.67 -1.55 -31.30
C LEU B 413 -4.87 -2.05 -32.50
N LYS B 414 -3.74 -2.71 -32.29
CA LYS B 414 -2.93 -3.32 -33.39
C LYS B 414 -3.83 -4.21 -34.28
N GLN B 415 -4.71 -5.03 -33.69
CA GLN B 415 -5.60 -5.99 -34.41
C GLN B 415 -6.64 -5.19 -35.20
N ALA B 416 -7.27 -4.18 -34.61
CA ALA B 416 -8.28 -3.33 -35.30
C ALA B 416 -7.61 -2.56 -36.44
N ASP B 417 -6.37 -2.09 -36.25
CA ASP B 417 -5.65 -1.34 -37.32
C ASP B 417 -5.39 -2.32 -38.47
N LYS B 418 -4.94 -3.54 -38.17
CA LYS B 418 -4.66 -4.59 -39.18
C LYS B 418 -5.95 -4.86 -39.99
N LYS B 419 -7.11 -4.95 -39.33
CA LYS B 419 -8.40 -5.24 -39.99
C LYS B 419 -8.74 -4.11 -40.96
N ILE B 420 -8.80 -2.87 -40.47
CA ILE B 420 -9.24 -1.69 -41.28
C ILE B 420 -8.24 -1.40 -42.41
N ARG B 421 -6.97 -1.77 -42.25
CA ARG B 421 -5.93 -1.65 -43.30
C ARG B 421 -6.31 -2.49 -44.53
N GLU B 422 -6.95 -3.65 -44.33
CA GLU B 422 -7.43 -4.53 -45.45
C GLU B 422 -8.49 -3.79 -46.29
N CYS B 423 -9.34 -2.99 -45.64
CA CYS B 423 -10.39 -2.13 -46.27
C CYS B 423 -9.77 -0.85 -46.87
N ASN B 424 -8.49 -0.88 -47.26
CA ASN B 424 -7.81 0.33 -47.81
C ASN B 424 -7.07 0.03 -49.12
N LEU B 425 -6.97 -1.23 -49.54
CA LEU B 425 -6.21 -1.67 -50.75
C LEU B 425 -7.02 -1.46 -52.04
PG ANP C . -1.97 11.13 39.87
O1G ANP C . -1.75 11.07 38.37
O2G ANP C . -2.40 12.54 40.19
O3G ANP C . -3.00 10.10 40.20
PB ANP C . 0.43 9.63 40.37
O1B ANP C . 0.84 9.00 41.64
O2B ANP C . 0.08 8.76 39.18
N3B ANP C . -0.58 10.83 40.70
PA ANP C . 3.01 10.20 39.06
O1A ANP C . 4.07 9.83 40.02
O2A ANP C . 2.75 9.24 37.95
O3A ANP C . 1.69 10.49 39.90
O5' ANP C . 3.33 11.65 38.46
C5' ANP C . 3.62 12.82 39.24
C4' ANP C . 2.79 13.99 38.76
O4' ANP C . 3.34 14.53 37.54
C3' ANP C . 1.34 13.65 38.37
O3' ANP C . 0.47 14.02 39.42
C2' ANP C . 1.07 14.46 37.09
O2' ANP C . -0.08 15.26 37.19
C1' ANP C . 2.32 15.32 36.96
N9 ANP C . 2.70 15.65 35.62
C8 ANP C . 2.78 14.80 34.55
N7 ANP C . 3.15 15.41 33.44
C5 ANP C . 3.33 16.73 33.81
C6 ANP C . 3.74 17.85 33.12
N6 ANP C . 4.08 17.86 31.83
N1 ANP C . 3.83 19.02 33.81
C2 ANP C . 3.53 19.00 35.11
N3 ANP C . 3.12 18.00 35.87
C4 ANP C . 3.05 16.88 35.15
C10 OK8 D . -5.30 3.71 35.91
C20 OK8 D . -8.00 1.54 29.78
C21 OK8 D . -6.95 0.41 29.99
O01 OK8 D . -1.17 4.58 39.05
C02 OK8 D . -1.89 4.19 38.08
O03 OK8 D . -1.48 4.24 36.90
C04 OK8 D . -3.27 3.61 38.31
C05 OK8 D . -3.43 2.48 37.27
C06 OK8 D . -3.98 1.18 37.92
O07 OK8 D . -4.65 1.30 38.96
O08 OK8 D . -3.79 0.07 37.32
N09 OK8 D . -4.34 2.78 36.13
O11 OK8 D . -5.69 4.48 36.70
C12 OK8 D . -6.03 3.60 34.68
N13 OK8 D . -7.38 3.94 34.44
C14 OK8 D . -7.66 3.52 33.19
N15 OK8 D . -6.50 2.83 32.61
C16 OK8 D . -5.50 2.91 33.53
N17 OK8 D . -4.28 2.42 33.24
C18 OK8 D . -6.37 2.28 31.26
O19 OK8 D . -7.53 2.56 30.62
O22 OK8 D . -6.10 0.50 28.96
C23 OK8 D . -6.24 0.74 31.30
O24 OK8 D . -4.92 0.38 31.26
C25 OK8 D . -9.43 1.13 30.26
O26 OK8 D . -9.32 0.60 31.50
P27 OK8 D . -10.81 0.14 32.37
O28 OK8 D . -10.19 -0.44 33.61
O29 OK8 D . -11.61 1.44 32.52
O30 OK8 D . -11.41 -0.91 31.51
C1 EDO E . -0.92 2.11 7.41
O1 EDO E . -2.29 2.50 7.33
C2 EDO E . -0.68 0.62 7.32
O2 EDO E . -0.83 -0.03 8.58
C1 EDO F . -4.57 18.56 20.89
O1 EDO F . -5.64 19.31 21.41
C2 EDO F . -3.97 17.76 21.97
O2 EDO F . -2.65 17.33 21.69
C1 EDO G . -9.24 20.96 -4.71
O1 EDO G . -9.51 20.28 -5.90
C2 EDO G . -9.45 22.43 -4.82
O2 EDO G . -10.78 22.73 -5.14
C1 EDO H . 9.95 -3.77 -9.95
O1 EDO H . 8.57 -4.19 -10.19
C2 EDO H . 10.23 -2.42 -10.54
O2 EDO H . 9.55 -1.36 -9.88
MG MG I . 0.12 8.75 36.95
MG MG J . -8.62 4.89 36.25
C1 EDO K . -8.33 0.01 12.40
O1 EDO K . -8.45 0.48 11.09
C2 EDO K . -6.88 -0.14 12.73
O2 EDO K . -6.14 1.06 12.57
PG ANP L . 13.67 -26.93 -28.30
O1G ANP L . 12.83 -26.03 -27.42
O2G ANP L . 13.05 -26.99 -29.68
O3G ANP L . 15.06 -26.39 -28.36
PB ANP L . 13.93 -28.97 -26.27
O1B ANP L . 14.89 -30.11 -26.13
O2B ANP L . 14.04 -27.81 -25.28
N3B ANP L . 13.68 -28.47 -27.75
PA ANP L . 11.65 -29.83 -24.69
O1A ANP L . 11.80 -31.21 -24.19
O2A ANP L . 11.94 -28.75 -23.71
O3A ANP L . 12.53 -29.65 -26.02
O5' ANP L . 10.20 -29.58 -25.33
C5' ANP L . 9.57 -30.53 -26.21
C4' ANP L . 8.87 -29.79 -27.30
O4' ANP L . 7.59 -29.31 -26.82
C3' ANP L . 9.58 -28.53 -27.82
O3' ANP L . 9.96 -28.72 -29.18
C2' ANP L . 8.53 -27.41 -27.69
O2' ANP L . 8.50 -26.56 -28.81
C1' ANP L . 7.24 -28.19 -27.60
N9 ANP L . 6.17 -27.53 -26.97
C8 ANP L . 6.20 -26.76 -25.86
N7 ANP L . 5.03 -26.28 -25.53
C5 ANP L . 4.17 -26.76 -26.49
C6 ANP L . 2.79 -26.62 -26.70
N6 ANP L . 1.98 -25.89 -25.94
N1 ANP L . 2.27 -27.25 -27.77
C2 ANP L . 3.08 -27.97 -28.54
N3 ANP L . 4.39 -28.18 -28.45
C4 ANP L . 4.86 -27.53 -27.39
C10 OK8 M . 18.57 -21.38 -22.90
C20 OK8 M . 18.11 -15.08 -20.06
C21 OK8 M . 18.66 -15.79 -18.80
O01 OK8 M . 17.32 -25.79 -22.14
C02 OK8 M . 18.47 -25.69 -22.63
O03 OK8 M . 19.32 -26.67 -22.71
C04 OK8 M . 18.81 -24.32 -23.06
C05 OK8 M . 18.98 -23.60 -21.76
C06 OK8 M . 20.49 -23.76 -21.24
O07 OK8 M . 21.35 -24.23 -22.03
O08 OK8 M . 20.79 -23.37 -20.09
N09 OK8 M . 18.70 -22.24 -21.83
O11 OK8 M . 18.72 -21.69 -24.05
C12 OK8 M . 18.35 -19.98 -22.61
N13 OK8 M . 18.56 -18.91 -23.43
C14 OK8 M . 18.29 -17.81 -22.68
N15 OK8 M . 18.01 -18.18 -21.34
C16 OK8 M . 18.04 -19.52 -21.31
N17 OK8 M . 17.77 -20.17 -20.14
C18 OK8 M . 17.65 -17.30 -20.20
O19 OK8 M . 17.36 -16.03 -20.66
O22 OK8 M . 17.72 -15.71 -17.84
C23 OK8 M . 18.82 -17.23 -19.19
O24 OK8 M . 18.55 -18.11 -18.16
C25 OK8 M . 19.24 -14.64 -21.07
O26 OK8 M . 20.38 -15.19 -20.72
P27 OK8 M . 21.88 -14.85 -21.66
O28 OK8 M . 22.58 -16.15 -21.31
O29 OK8 M . 21.41 -14.55 -23.09
O30 OK8 M . 22.40 -13.67 -20.90
C1 EDO N . -34.27 5.98 -0.74
O1 EDO N . -34.55 6.72 0.45
C2 EDO N . -32.90 6.26 -1.25
O2 EDO N . -32.84 7.28 -2.21
MG MG O . 12.77 -26.28 -24.17
MG MG P . 19.36 -19.45 -25.55
#